data_2FYW
#
_entry.id   2FYW
#
_cell.length_a   96.481
_cell.length_b   167.016
_cell.length_c   122.011
_cell.angle_alpha   90.00
_cell.angle_beta   90.00
_cell.angle_gamma   90.00
#
_symmetry.space_group_name_H-M   'C 2 2 21'
#
loop_
_entity.id
_entity.type
_entity.pdbx_description
1 polymer 'conserved hypothetical protein'
2 water water
#
_entity_poly.entity_id   1
_entity_poly.type   'polypeptide(L)'
_entity_poly.pdbx_seq_one_letter_code
;NA(MSE)LASEVIQAYEAFCPQEFS(MSE)EGDSRGLQIGTLDKGIQRV(MSE)VALDIREETVAEAIEKGVDLIIVKHA
PIFRPIKDLLASRPQNQIYIDLIKHDIAVYVSHTNIDIVENGLNDWFCQ(MSE)LGIEETTYLQETGPERGIGRIGNIQP
QTFWELAQQVKQVFDLDSLR(MSE)VHYQEDDLQKPISRVAICGGSGQSFYKDALAKGADVYITGDIYYHTAQD(MSE)L
SDGLLALDPGHYIEVIFVEKIAALLSQWKEDKGWSIDILPSQASTNPFHHI
;
_entity_poly.pdbx_strand_id   A,B,C
#
# COMPACT_ATOMS: atom_id res chain seq x y z
N ASN A 1 -2.94 39.90 -11.06
CA ASN A 1 -3.82 40.26 -9.89
C ASN A 1 -4.22 39.08 -8.96
N ALA A 2 -4.88 38.06 -9.52
CA ALA A 2 -5.41 36.94 -8.70
C ALA A 2 -4.29 36.13 -8.07
N LEU A 4 -2.29 33.13 -6.77
CA LEU A 4 -2.04 31.75 -7.18
C LEU A 4 -2.40 30.81 -6.05
N ALA A 5 -3.09 29.73 -6.41
CA ALA A 5 -3.43 28.63 -5.53
C ALA A 5 -2.21 28.13 -4.70
N SER A 6 -1.06 28.12 -5.36
CA SER A 6 0.22 27.72 -4.82
C SER A 6 0.74 28.60 -3.70
N GLU A 7 0.35 29.87 -3.65
CA GLU A 7 0.69 30.71 -2.50
C GLU A 7 -0.18 30.45 -1.25
N VAL A 8 -1.42 29.97 -1.47
CA VAL A 8 -2.27 29.49 -0.38
C VAL A 8 -1.65 28.21 0.25
N ILE A 9 -1.17 27.31 -0.61
CA ILE A 9 -0.60 26.03 -0.23
C ILE A 9 0.78 26.21 0.42
N GLN A 10 1.58 27.14 -0.10
CA GLN A 10 2.78 27.57 0.59
C GLN A 10 2.57 27.97 2.04
N ALA A 11 1.54 28.76 2.31
CA ALA A 11 1.12 29.11 3.66
C ALA A 11 0.63 27.90 4.52
N TYR A 12 -0.23 27.05 3.92
CA TYR A 12 -0.66 25.80 4.56
C TYR A 12 0.53 24.87 4.94
N GLU A 13 1.42 24.60 3.99
CA GLU A 13 2.56 23.75 4.23
C GLU A 13 3.61 24.28 5.23
N ALA A 14 3.54 25.57 5.55
CA ALA A 14 4.48 26.14 6.51
C ALA A 14 4.00 25.81 7.92
N PHE A 15 2.68 25.88 8.13
CA PHE A 15 2.03 25.29 9.30
C PHE A 15 2.15 23.73 9.32
N CYS A 16 1.83 23.10 8.19
CA CYS A 16 1.63 21.64 8.14
C CYS A 16 2.39 20.93 7.00
N PRO A 17 3.70 20.68 7.19
CA PRO A 17 4.45 20.12 6.08
C PRO A 17 3.90 18.82 5.51
N GLN A 18 4.06 18.69 4.20
CA GLN A 18 3.68 17.49 3.50
C GLN A 18 4.42 16.31 4.13
N GLU A 19 5.67 16.55 4.50
CA GLU A 19 6.57 15.48 4.88
C GLU A 19 6.39 15.00 6.32
N PHE A 20 5.53 15.68 7.09
CA PHE A 20 5.04 15.25 8.40
C PHE A 20 4.03 14.07 8.36
N SER A 21 3.47 13.81 7.17
CA SER A 21 2.66 12.64 6.88
C SER A 21 3.41 11.36 7.08
N GLU A 23 4.72 7.61 6.53
CA GLU A 23 5.20 7.00 5.29
C GLU A 23 4.14 6.16 4.60
N GLY A 24 4.05 6.34 3.28
CA GLY A 24 3.12 5.60 2.43
C GLY A 24 1.81 6.35 2.27
N ASP A 25 1.68 7.45 3.00
CA ASP A 25 0.43 8.23 2.99
C ASP A 25 0.37 9.17 1.77
N SER A 26 -0.82 9.30 1.20
CA SER A 26 -1.17 10.37 0.30
C SER A 26 -0.95 11.74 0.90
N ARG A 27 -0.50 12.67 0.07
CA ARG A 27 -0.23 14.02 0.56
C ARG A 27 -0.21 14.98 -0.61
N GLY A 28 -0.57 16.23 -0.40
CA GLY A 28 -0.34 17.23 -1.41
C GLY A 28 -1.33 17.17 -2.55
N LEU A 29 -0.98 17.86 -3.63
CA LEU A 29 -1.87 17.96 -4.78
C LEU A 29 -2.04 16.58 -5.40
N GLN A 30 -3.28 16.23 -5.70
CA GLN A 30 -3.57 14.93 -6.31
C GLN A 30 -4.23 15.13 -7.63
N ILE A 31 -5.01 16.22 -7.75
CA ILE A 31 -5.81 16.50 -8.95
C ILE A 31 -5.65 17.99 -9.31
N GLY A 32 -5.30 18.26 -10.57
CA GLY A 32 -5.30 19.63 -11.14
C GLY A 32 -3.98 20.34 -11.05
N THR A 33 -4.03 21.66 -10.93
CA THR A 33 -2.82 22.46 -10.83
C THR A 33 -2.96 23.42 -9.69
N LEU A 34 -1.84 23.94 -9.21
CA LEU A 34 -1.84 25.11 -8.35
C LEU A 34 -1.24 26.36 -8.97
N ASP A 35 -0.95 26.31 -10.25
CA ASP A 35 -0.16 27.33 -10.93
C ASP A 35 -0.96 28.54 -11.36
N LYS A 36 -2.28 28.48 -11.19
CA LYS A 36 -3.15 29.49 -11.73
C LYS A 36 -3.77 30.38 -10.67
N GLY A 37 -4.38 31.48 -11.10
CA GLY A 37 -5.00 32.40 -10.15
C GLY A 37 -6.29 31.82 -9.69
N ILE A 38 -6.62 31.99 -8.44
CA ILE A 38 -7.87 31.42 -7.95
C ILE A 38 -8.66 32.46 -7.16
N GLN A 39 -9.96 32.21 -7.00
CA GLN A 39 -10.86 33.02 -6.19
C GLN A 39 -11.32 32.31 -4.94
N ARG A 40 -11.52 31.00 -5.05
CA ARG A 40 -12.20 30.20 -4.02
C ARG A 40 -11.54 28.89 -3.56
N VAL A 41 -11.49 28.74 -2.24
CA VAL A 41 -10.98 27.55 -1.64
C VAL A 41 -12.00 26.97 -0.67
N VAL A 43 -12.66 23.79 2.13
CA VAL A 43 -12.15 22.80 3.09
C VAL A 43 -13.22 21.71 3.30
N ALA A 44 -12.84 20.47 3.08
CA ALA A 44 -13.76 19.32 3.15
C ALA A 44 -13.05 18.20 3.89
N LEU A 45 -13.85 17.30 4.44
CA LEU A 45 -13.37 16.06 5.03
C LEU A 45 -13.08 14.99 3.94
N ASP A 46 -13.99 14.84 2.99
CA ASP A 46 -14.04 13.73 2.01
C ASP A 46 -14.54 14.39 0.76
N ILE A 47 -14.24 13.87 -0.41
CA ILE A 47 -14.98 14.36 -1.58
C ILE A 47 -15.89 13.27 -2.13
N ARG A 48 -17.18 13.45 -1.92
CA ARG A 48 -18.17 12.60 -2.52
C ARG A 48 -18.97 13.39 -3.55
N GLU A 49 -19.94 12.73 -4.16
CA GLU A 49 -20.83 13.37 -5.13
C GLU A 49 -21.36 14.70 -4.68
N GLU A 50 -21.88 14.75 -3.44
CA GLU A 50 -22.49 15.97 -2.90
C GLU A 50 -21.48 17.12 -2.73
N THR A 51 -20.25 16.77 -2.34
CA THR A 51 -19.11 17.68 -2.24
C THR A 51 -18.71 18.26 -3.59
N VAL A 52 -18.78 17.45 -4.66
CA VAL A 52 -18.48 17.92 -6.00
C VAL A 52 -19.53 18.95 -6.47
N ALA A 53 -20.83 18.60 -6.38
CA ALA A 53 -21.95 19.49 -6.77
C ALA A 53 -21.82 20.79 -6.05
N GLU A 54 -21.58 20.72 -4.73
CA GLU A 54 -21.39 21.91 -3.92
C GLU A 54 -20.20 22.77 -4.38
N ALA A 55 -19.08 22.14 -4.75
CA ALA A 55 -17.90 22.91 -5.25
C ALA A 55 -18.18 23.59 -6.58
N ILE A 56 -18.93 22.90 -7.45
CA ILE A 56 -19.33 23.41 -8.76
C ILE A 56 -20.26 24.60 -8.57
N GLU A 57 -21.29 24.38 -7.77
CA GLU A 57 -22.29 25.38 -7.41
C GLU A 57 -21.73 26.66 -6.78
N LYS A 58 -20.79 26.53 -5.86
CA LYS A 58 -20.18 27.69 -5.22
C LYS A 58 -18.96 28.28 -5.99
N GLY A 59 -18.65 27.72 -7.14
CA GLY A 59 -17.51 28.22 -7.92
C GLY A 59 -16.14 28.01 -7.30
N VAL A 60 -15.92 26.84 -6.72
CA VAL A 60 -14.66 26.57 -6.01
C VAL A 60 -13.54 26.19 -6.99
N ASP A 61 -12.33 26.76 -6.82
CA ASP A 61 -11.16 26.40 -7.63
C ASP A 61 -10.25 25.32 -7.00
N LEU A 62 -10.15 25.34 -5.69
CA LEU A 62 -9.30 24.42 -4.99
C LEU A 62 -10.09 23.88 -3.81
N ILE A 63 -9.93 22.59 -3.55
CA ILE A 63 -10.46 21.93 -2.34
C ILE A 63 -9.24 21.41 -1.58
N ILE A 64 -9.18 21.73 -0.29
CA ILE A 64 -8.21 21.16 0.61
C ILE A 64 -8.93 20.07 1.38
N VAL A 65 -8.44 18.84 1.28
CA VAL A 65 -9.23 17.69 1.80
C VAL A 65 -8.32 16.83 2.72
N LYS A 66 -8.94 16.28 3.78
CA LYS A 66 -8.31 15.33 4.71
C LYS A 66 -8.18 13.90 4.18
N HIS A 67 -9.23 13.37 3.55
CA HIS A 67 -9.17 11.99 3.03
C HIS A 67 -8.99 12.06 1.57
N ALA A 68 -8.00 11.34 1.09
CA ALA A 68 -7.64 11.42 -0.29
C ALA A 68 -8.70 10.80 -1.17
N PRO A 69 -9.09 11.54 -2.22
CA PRO A 69 -9.88 11.01 -3.36
C PRO A 69 -9.13 9.97 -4.24
N ILE A 70 -7.82 10.08 -4.40
CA ILE A 70 -7.05 8.99 -4.99
C ILE A 70 -6.31 8.20 -3.92
N PHE A 71 -6.90 7.13 -3.41
CA PHE A 71 -6.33 6.44 -2.23
C PHE A 71 -5.49 5.22 -2.66
N ARG A 72 -5.60 4.87 -3.93
CA ARG A 72 -4.78 3.82 -4.58
C ARG A 72 -4.65 4.12 -6.08
N PRO A 73 -3.71 3.46 -6.77
CA PRO A 73 -3.60 3.85 -8.17
C PRO A 73 -4.86 3.51 -8.96
N ILE A 74 -5.15 4.30 -9.99
CA ILE A 74 -6.40 4.22 -10.75
C ILE A 74 -6.19 3.25 -11.91
N LYS A 75 -7.01 2.22 -12.01
CA LYS A 75 -6.78 1.20 -13.04
C LYS A 75 -7.25 1.67 -14.43
N ASP A 76 -8.36 2.40 -14.48
CA ASP A 76 -8.87 2.93 -15.74
C ASP A 76 -9.72 4.14 -15.49
N LEU A 77 -10.14 4.79 -16.57
CA LEU A 77 -11.04 5.95 -16.42
C LEU A 77 -12.45 5.72 -16.99
N LEU A 78 -12.97 4.52 -16.81
CA LEU A 78 -14.37 4.24 -17.12
C LEU A 78 -15.30 5.17 -16.32
N ALA A 79 -16.17 5.87 -17.07
CA ALA A 79 -17.15 6.81 -16.50
C ALA A 79 -18.27 6.08 -15.79
N SER A 80 -18.32 4.76 -15.96
CA SER A 80 -19.31 3.93 -15.28
C SER A 80 -18.93 3.60 -13.81
N ARG A 81 -17.69 3.89 -13.39
CA ARG A 81 -17.28 3.67 -12.01
C ARG A 81 -17.53 4.96 -11.28
N PRO A 82 -18.38 4.93 -10.20
CA PRO A 82 -18.69 6.12 -9.39
C PRO A 82 -17.52 6.96 -8.91
N GLN A 83 -16.41 6.33 -8.56
CA GLN A 83 -15.25 7.08 -8.11
C GLN A 83 -14.67 7.87 -9.32
N ASN A 84 -14.79 7.29 -10.52
CA ASN A 84 -14.31 7.94 -11.73
C ASN A 84 -15.19 9.14 -12.13
N GLN A 85 -16.50 9.06 -11.89
N GLN A 85 -16.51 9.01 -11.90
CA GLN A 85 -17.38 10.20 -12.16
CA GLN A 85 -17.49 10.11 -12.08
C GLN A 85 -17.02 11.42 -11.30
C GLN A 85 -17.06 11.37 -11.28
N ILE A 86 -16.63 11.17 -10.05
CA ILE A 86 -16.06 12.24 -9.21
C ILE A 86 -14.84 12.98 -9.83
N TYR A 87 -13.83 12.22 -10.25
CA TYR A 87 -12.63 12.69 -10.93
C TYR A 87 -12.98 13.45 -12.20
N ILE A 88 -13.85 12.85 -13.03
CA ILE A 88 -14.35 13.47 -14.25
C ILE A 88 -15.02 14.84 -13.98
N ASP A 89 -15.89 14.89 -13.00
CA ASP A 89 -16.48 16.15 -12.61
C ASP A 89 -15.51 17.22 -12.09
N LEU A 90 -14.55 16.84 -11.24
CA LEU A 90 -13.51 17.75 -10.79
C LEU A 90 -12.70 18.31 -11.96
N ILE A 91 -12.23 17.43 -12.84
CA ILE A 91 -11.41 17.78 -14.01
C ILE A 91 -12.11 18.75 -15.02
N LYS A 92 -13.38 18.44 -15.33
CA LYS A 92 -14.21 19.25 -16.22
C LYS A 92 -14.42 20.68 -15.70
N HIS A 93 -14.49 20.84 -14.38
CA HIS A 93 -14.76 22.13 -13.73
C HIS A 93 -13.51 22.79 -13.18
N ASP A 94 -12.36 22.28 -13.62
CA ASP A 94 -11.05 22.66 -13.10
C ASP A 94 -11.03 22.85 -11.60
N ILE A 95 -11.45 21.83 -10.88
CA ILE A 95 -11.33 21.87 -9.42
C ILE A 95 -10.09 21.07 -9.02
N ALA A 96 -9.13 21.80 -8.44
CA ALA A 96 -7.91 21.18 -7.96
C ALA A 96 -8.20 20.62 -6.56
N VAL A 97 -7.54 19.51 -6.21
CA VAL A 97 -7.73 18.84 -4.94
C VAL A 97 -6.38 18.62 -4.29
N TYR A 98 -6.28 19.07 -3.05
CA TYR A 98 -5.08 18.96 -2.27
C TYR A 98 -5.33 18.21 -0.96
N VAL A 99 -4.45 17.28 -0.62
CA VAL A 99 -4.62 16.34 0.52
C VAL A 99 -3.73 16.63 1.72
N SER A 100 -4.39 16.70 2.86
CA SER A 100 -3.74 16.81 4.13
C SER A 100 -4.36 15.79 5.10
N HIS A 101 -3.72 14.62 5.18
CA HIS A 101 -4.34 13.50 5.82
C HIS A 101 -3.73 13.25 7.17
N THR A 102 -2.67 12.44 7.26
CA THR A 102 -2.06 12.13 8.57
C THR A 102 -1.13 13.22 9.08
N ASN A 103 -0.66 14.11 8.21
CA ASN A 103 0.19 15.24 8.69
C ASN A 103 -0.53 16.25 9.64
N ILE A 104 -1.85 16.41 9.48
CA ILE A 104 -2.66 17.33 10.31
C ILE A 104 -2.91 16.71 11.68
N ASP A 105 -2.93 15.38 11.72
CA ASP A 105 -3.00 14.58 12.95
C ASP A 105 -1.67 14.58 13.73
N ILE A 106 -0.57 14.91 13.07
CA ILE A 106 0.75 14.77 13.68
C ILE A 106 1.24 16.13 14.14
N VAL A 107 1.02 17.15 13.32
CA VAL A 107 1.59 18.48 13.55
C VAL A 107 1.16 19.02 14.91
N GLU A 108 2.01 19.85 15.47
CA GLU A 108 1.71 20.68 16.65
C GLU A 108 0.57 21.63 16.30
N ASN A 109 -0.42 21.74 17.18
CA ASN A 109 -1.60 22.56 16.94
C ASN A 109 -2.47 22.03 15.78
N GLY A 110 -2.42 20.72 15.56
CA GLY A 110 -3.24 20.05 14.59
C GLY A 110 -4.45 19.40 15.20
N LEU A 111 -5.08 18.51 14.43
CA LEU A 111 -6.40 17.98 14.77
C LEU A 111 -6.49 17.33 16.16
N ASN A 112 -5.51 16.47 16.47
CA ASN A 112 -5.46 15.83 17.76
C ASN A 112 -5.24 16.81 18.89
N ASP A 113 -4.51 17.90 18.66
CA ASP A 113 -4.42 18.97 19.67
C ASP A 113 -5.77 19.68 19.88
N TRP A 114 -6.52 19.87 18.81
CA TRP A 114 -7.89 20.42 18.91
C TRP A 114 -8.78 19.60 19.80
N PHE A 115 -8.76 18.28 19.60
CA PHE A 115 -9.37 17.27 20.46
C PHE A 115 -9.01 17.38 21.95
N CYS A 116 -7.72 17.46 22.23
CA CYS A 116 -7.20 17.70 23.57
C CYS A 116 -7.73 18.99 24.18
N GLN A 117 -7.71 20.10 23.44
CA GLN A 117 -8.26 21.38 23.92
C GLN A 117 -9.74 21.29 24.21
N LEU A 119 -11.50 18.89 25.14
CA LEU A 119 -11.80 17.94 26.20
C LEU A 119 -10.96 18.23 27.45
N GLY A 120 -10.06 19.19 27.33
CA GLY A 120 -9.29 19.62 28.48
C GLY A 120 -8.24 18.61 28.87
N ILE A 121 -7.70 17.91 27.86
CA ILE A 121 -6.60 17.02 28.09
C ILE A 121 -5.33 17.88 28.00
N GLU A 122 -4.49 17.78 29.03
CA GLU A 122 -3.33 18.66 29.25
C GLU A 122 -1.99 17.91 29.40
N GLU A 123 -0.91 18.68 29.32
CA GLU A 123 0.45 18.15 29.36
C GLU A 123 0.62 16.97 28.40
N THR A 124 0.23 17.20 27.14
CA THR A 124 0.18 16.18 26.11
C THR A 124 1.53 15.87 25.45
N THR A 125 1.69 14.61 25.09
CA THR A 125 2.71 14.19 24.16
C THR A 125 1.97 13.32 23.16
N TYR A 126 2.65 12.90 22.10
CA TYR A 126 2.07 12.11 21.02
C TYR A 126 2.05 10.62 21.40
N LEU A 127 1.35 9.78 20.63
CA LEU A 127 1.28 8.30 20.92
C LEU A 127 2.41 7.47 20.35
N GLN A 128 2.60 7.61 19.04
CA GLN A 128 3.60 6.90 18.29
C GLN A 128 4.43 7.87 17.50
N GLU A 129 5.74 7.79 17.68
CA GLU A 129 6.66 8.53 16.86
C GLU A 129 6.57 8.24 15.38
N THR A 130 6.57 9.32 14.61
CA THR A 130 6.54 9.24 13.18
C THR A 130 7.77 9.96 12.58
N GLY A 131 8.46 10.77 13.39
CA GLY A 131 9.59 11.55 12.93
C GLY A 131 10.28 12.16 14.14
N PRO A 132 11.40 12.86 13.93
CA PRO A 132 12.13 13.50 15.04
C PRO A 132 11.25 14.37 15.91
N GLU A 133 10.95 13.90 17.11
CA GLU A 133 10.23 14.66 18.09
C GLU A 133 8.76 14.96 17.71
N ARG A 134 8.20 14.14 16.81
CA ARG A 134 6.80 14.22 16.48
C ARG A 134 6.12 12.82 16.38
N GLY A 135 4.80 12.79 16.50
CA GLY A 135 4.06 11.57 16.27
C GLY A 135 2.58 11.79 16.24
N ILE A 136 1.88 10.71 15.92
CA ILE A 136 0.43 10.68 15.79
C ILE A 136 -0.32 10.35 17.12
N GLY A 137 -1.55 10.85 17.26
CA GLY A 137 -2.30 10.73 18.48
C GLY A 137 -1.73 11.60 19.58
N ARG A 138 -2.46 11.70 20.68
CA ARG A 138 -2.03 12.39 21.90
C ARG A 138 -2.44 11.60 23.15
N ILE A 139 -1.72 11.84 24.23
CA ILE A 139 -2.06 11.34 25.55
C ILE A 139 -1.69 12.47 26.52
N GLY A 140 -2.56 12.75 27.49
CA GLY A 140 -2.34 13.69 28.54
C GLY A 140 -3.29 13.45 29.73
N ASN A 141 -3.30 14.38 30.67
CA ASN A 141 -4.06 14.23 31.89
C ASN A 141 -5.23 15.15 31.94
N ILE A 142 -6.32 14.68 32.57
CA ILE A 142 -7.51 15.50 32.81
C ILE A 142 -7.75 15.67 34.31
N GLN A 143 -8.59 16.64 34.68
CA GLN A 143 -9.17 16.67 36.02
C GLN A 143 -9.96 15.38 36.18
N PRO A 144 -9.60 14.55 37.19
CA PRO A 144 -10.27 13.27 37.37
C PRO A 144 -11.77 13.36 37.31
N GLN A 145 -12.37 12.37 36.65
CA GLN A 145 -13.82 12.19 36.54
C GLN A 145 -14.00 10.71 36.23
N THR A 146 -15.21 10.19 36.41
CA THR A 146 -15.44 8.78 36.14
C THR A 146 -15.52 8.50 34.65
N PHE A 147 -15.45 7.22 34.31
CA PHE A 147 -15.59 6.78 32.95
C PHE A 147 -16.91 7.27 32.27
N TRP A 148 -18.04 7.07 32.94
CA TRP A 148 -19.33 7.56 32.48
C TRP A 148 -19.35 9.07 32.20
N GLU A 149 -18.84 9.89 33.15
CA GLU A 149 -18.68 11.35 32.95
C GLU A 149 -17.82 11.76 31.74
N LEU A 150 -16.68 11.08 31.56
CA LEU A 150 -15.90 11.27 30.34
C LEU A 150 -16.73 10.93 29.09
N ALA A 151 -17.50 9.85 29.16
CA ALA A 151 -18.36 9.45 28.03
C ALA A 151 -19.45 10.51 27.70
N GLN A 152 -20.17 10.97 28.73
CA GLN A 152 -21.16 12.04 28.58
C GLN A 152 -20.49 13.28 27.99
N GLN A 153 -19.28 13.62 28.47
CA GLN A 153 -18.57 14.78 27.95
C GLN A 153 -18.23 14.64 26.46
N VAL A 154 -17.66 13.51 26.08
CA VAL A 154 -17.31 13.24 24.67
C VAL A 154 -18.52 13.35 23.73
N LYS A 155 -19.61 12.67 24.08
CA LYS A 155 -20.84 12.69 23.28
C LYS A 155 -21.31 14.16 23.03
N GLN A 156 -21.29 14.97 24.09
CA GLN A 156 -21.73 16.36 24.05
C GLN A 156 -20.80 17.31 23.28
N VAL A 157 -19.54 17.31 23.64
CA VAL A 157 -18.52 18.12 23.00
C VAL A 157 -18.45 17.85 21.48
N PHE A 158 -18.71 16.61 21.09
CA PHE A 158 -18.64 16.22 19.67
C PHE A 158 -19.97 16.11 18.92
N ASP A 159 -21.07 16.36 19.62
CA ASP A 159 -22.42 16.39 19.05
C ASP A 159 -22.96 15.08 18.54
N LEU A 160 -22.96 14.05 19.39
CA LEU A 160 -23.14 12.70 18.91
C LEU A 160 -24.54 12.21 19.26
N ASP A 161 -25.25 11.68 18.27
CA ASP A 161 -26.50 10.97 18.57
C ASP A 161 -26.17 9.53 18.92
N SER A 162 -24.88 9.30 19.19
CA SER A 162 -24.31 7.96 19.27
C SER A 162 -22.88 7.96 19.82
N LEU A 163 -22.71 7.46 21.04
CA LEU A 163 -21.37 7.07 21.49
C LEU A 163 -21.27 5.60 21.93
N ARG A 164 -20.26 4.92 21.41
CA ARG A 164 -19.92 3.55 21.81
C ARG A 164 -18.88 3.48 22.97
N VAL A 166 -16.51 1.30 25.42
CA VAL A 166 -15.87 -0.02 25.43
C VAL A 166 -15.45 -0.46 26.81
N HIS A 167 -16.26 -1.35 27.37
CA HIS A 167 -16.05 -1.93 28.70
C HIS A 167 -16.88 -3.21 28.79
N TYR A 168 -16.57 -4.06 29.77
CA TYR A 168 -17.45 -5.20 30.06
C TYR A 168 -18.43 -4.93 31.22
N GLN A 169 -17.95 -4.46 32.37
CA GLN A 169 -18.80 -4.30 33.58
C GLN A 169 -19.47 -2.94 33.84
N GLU A 170 -20.51 -2.95 34.66
CA GLU A 170 -21.23 -1.73 35.04
C GLU A 170 -20.46 -0.88 36.06
N ASP A 171 -19.52 -1.50 36.77
CA ASP A 171 -18.66 -0.80 37.74
C ASP A 171 -17.48 -0.08 37.08
N ASP A 172 -17.19 -0.42 35.83
CA ASP A 172 -16.22 0.32 35.02
C ASP A 172 -16.69 1.78 34.90
N LEU A 173 -18.01 1.97 34.75
CA LEU A 173 -18.63 3.30 34.64
C LEU A 173 -18.26 4.31 35.75
N GLN A 174 -17.92 3.81 36.94
CA GLN A 174 -17.46 4.65 38.08
C GLN A 174 -15.92 4.67 38.32
N LYS A 175 -15.18 3.92 37.52
CA LYS A 175 -13.71 3.92 37.58
C LYS A 175 -13.24 5.34 37.27
N PRO A 176 -12.46 5.97 38.19
CA PRO A 176 -11.85 7.27 37.89
C PRO A 176 -10.82 7.28 36.74
N ILE A 177 -10.94 8.27 35.87
CA ILE A 177 -10.06 8.47 34.73
C ILE A 177 -9.33 9.78 34.95
N SER A 178 -7.99 9.74 34.88
CA SER A 178 -7.21 10.99 34.91
C SER A 178 -6.19 11.08 33.78
N ARG A 179 -6.03 9.99 33.02
CA ARG A 179 -5.12 10.01 31.90
C ARG A 179 -5.75 9.43 30.66
N VAL A 180 -5.79 10.26 29.62
CA VAL A 180 -6.55 10.00 28.40
C VAL A 180 -5.74 10.08 27.12
N ALA A 181 -5.81 9.00 26.34
CA ALA A 181 -5.25 8.98 25.00
C ALA A 181 -6.32 9.20 23.92
N ILE A 182 -5.93 9.94 22.87
CA ILE A 182 -6.85 10.24 21.80
C ILE A 182 -6.19 10.25 20.42
N CYS A 183 -6.90 9.71 19.44
CA CYS A 183 -6.42 9.68 18.07
C CYS A 183 -7.60 9.67 17.15
N GLY A 184 -7.68 10.72 16.34
CA GLY A 184 -8.75 10.89 15.39
C GLY A 184 -8.58 9.92 14.26
N GLY A 185 -9.68 9.61 13.59
CA GLY A 185 -9.63 8.60 12.56
C GLY A 185 -9.44 7.20 13.13
N SER A 186 -8.63 6.41 12.43
CA SER A 186 -8.48 4.97 12.70
C SER A 186 -7.22 4.70 13.51
N GLY A 187 -7.29 4.87 14.83
CA GLY A 187 -6.06 4.79 15.61
C GLY A 187 -5.97 3.59 16.51
N GLN A 188 -6.75 2.54 16.23
CA GLN A 188 -6.83 1.39 17.10
C GLN A 188 -5.50 0.64 17.24
N SER A 189 -4.69 0.69 16.19
CA SER A 189 -3.37 0.12 16.27
C SER A 189 -2.35 0.95 17.07
N PHE A 190 -2.71 2.14 17.56
CA PHE A 190 -1.80 2.90 18.44
C PHE A 190 -2.17 2.65 19.89
N TYR A 191 -3.04 1.68 20.13
CA TYR A 191 -3.49 1.46 21.52
C TYR A 191 -2.47 0.93 22.53
N LYS A 192 -1.53 0.10 22.10
CA LYS A 192 -0.49 -0.42 22.97
C LYS A 192 0.44 0.74 23.41
N ASP A 193 0.68 1.68 22.50
CA ASP A 193 1.33 2.96 22.80
C ASP A 193 0.60 3.78 23.85
N ALA A 194 -0.72 3.88 23.71
CA ALA A 194 -1.53 4.54 24.74
C ALA A 194 -1.44 3.77 26.07
N LEU A 195 -1.58 2.46 26.03
CA LEU A 195 -1.34 1.65 27.18
C LEU A 195 0.09 1.81 27.83
N ALA A 196 1.18 1.81 27.03
CA ALA A 196 2.54 1.94 27.59
C ALA A 196 2.77 3.33 28.20
N LYS A 197 1.99 4.31 27.73
CA LYS A 197 2.12 5.70 28.18
C LYS A 197 1.16 6.07 29.32
N GLY A 198 0.45 5.06 29.82
CA GLY A 198 -0.33 5.20 31.05
C GLY A 198 -1.80 5.62 30.90
N ALA A 199 -2.36 5.55 29.69
CA ALA A 199 -3.79 5.85 29.46
C ALA A 199 -4.69 4.97 30.33
N ASP A 200 -5.65 5.59 31.01
CA ASP A 200 -6.79 4.95 31.62
C ASP A 200 -7.80 4.66 30.51
N VAL A 201 -7.92 5.60 29.56
CA VAL A 201 -8.90 5.56 28.47
C VAL A 201 -8.29 5.98 27.14
N TYR A 202 -8.65 5.26 26.07
CA TYR A 202 -8.26 5.58 24.71
C TYR A 202 -9.51 5.94 23.85
N ILE A 203 -9.47 7.10 23.19
CA ILE A 203 -10.55 7.53 22.34
C ILE A 203 -10.06 7.45 20.90
N THR A 204 -10.73 6.63 20.09
CA THR A 204 -10.38 6.49 18.67
C THR A 204 -11.56 5.92 17.88
N GLY A 205 -11.58 6.14 16.57
CA GLY A 205 -12.70 5.66 15.75
C GLY A 205 -12.43 4.30 15.15
N ASP A 206 -13.51 3.65 14.66
CA ASP A 206 -13.36 2.43 13.84
C ASP A 206 -12.66 1.32 14.62
N ILE A 207 -13.14 1.09 15.85
CA ILE A 207 -12.57 0.08 16.72
C ILE A 207 -13.22 -1.31 16.43
N TYR A 208 -12.46 -2.20 15.79
CA TYR A 208 -12.91 -3.58 15.51
C TYR A 208 -13.28 -4.25 16.80
N TYR A 209 -14.38 -4.97 16.74
CA TYR A 209 -14.81 -5.88 17.80
C TYR A 209 -13.66 -6.58 18.55
N HIS A 210 -12.78 -7.29 17.82
CA HIS A 210 -11.74 -8.12 18.42
C HIS A 210 -10.64 -7.29 19.12
N THR A 211 -10.34 -6.13 18.55
CA THR A 211 -9.37 -5.23 19.13
C THR A 211 -9.93 -4.59 20.40
N ALA A 212 -11.22 -4.28 20.40
CA ALA A 212 -11.86 -3.74 21.60
C ALA A 212 -11.71 -4.72 22.77
N GLN A 213 -11.82 -6.01 22.47
CA GLN A 213 -11.65 -7.10 23.43
C GLN A 213 -10.22 -7.18 23.94
N ASP A 214 -9.27 -6.96 23.04
CA ASP A 214 -7.87 -6.92 23.38
C ASP A 214 -7.54 -5.77 24.32
N LEU A 216 -9.51 -4.35 26.31
CA LEU A 216 -10.12 -4.64 27.61
C LEU A 216 -9.35 -5.65 28.45
N SER A 217 -8.84 -6.68 27.77
CA SER A 217 -7.84 -7.58 28.32
C SER A 217 -6.59 -6.88 28.83
N ASP A 218 -6.19 -5.79 28.20
CA ASP A 218 -5.01 -5.04 28.67
C ASP A 218 -5.33 -4.12 29.83
N GLY A 219 -6.61 -4.01 30.19
CA GLY A 219 -7.06 -3.17 31.27
C GLY A 219 -7.36 -1.73 30.81
N LEU A 220 -7.49 -1.54 29.51
CA LEU A 220 -7.69 -0.23 28.92
C LEU A 220 -9.17 -0.06 28.51
N LEU A 221 -9.83 0.93 29.10
CA LEU A 221 -11.18 1.29 28.68
C LEU A 221 -11.10 2.14 27.40
N ALA A 222 -12.20 2.25 26.68
CA ALA A 222 -12.20 2.94 25.42
C ALA A 222 -13.52 3.64 25.07
N LEU A 223 -13.40 4.62 24.19
CA LEU A 223 -14.55 5.32 23.67
C LEU A 223 -14.37 5.41 22.18
N ASP A 224 -15.38 4.97 21.44
CA ASP A 224 -15.40 5.03 19.99
C ASP A 224 -16.43 6.10 19.58
N PRO A 225 -15.97 7.31 19.22
CA PRO A 225 -16.91 8.36 18.76
C PRO A 225 -17.26 8.34 17.28
N GLY A 226 -16.79 7.33 16.56
CA GLY A 226 -17.00 7.26 15.13
C GLY A 226 -16.00 8.11 14.40
N HIS A 227 -15.99 7.97 13.09
CA HIS A 227 -15.05 8.69 12.23
C HIS A 227 -15.45 10.13 11.92
N TYR A 228 -16.65 10.53 12.35
CA TYR A 228 -17.09 11.87 12.02
C TYR A 228 -16.66 12.99 12.98
N ILE A 229 -16.00 12.66 14.09
CA ILE A 229 -15.45 13.76 14.92
C ILE A 229 -14.36 14.58 14.18
N GLU A 230 -13.84 13.99 13.11
CA GLU A 230 -12.88 14.59 12.22
C GLU A 230 -13.40 15.79 11.44
N VAL A 231 -14.72 16.02 11.33
CA VAL A 231 -15.22 17.27 10.66
C VAL A 231 -14.68 18.56 11.27
N ILE A 232 -14.27 18.52 12.53
CA ILE A 232 -13.55 19.66 13.14
C ILE A 232 -12.49 20.21 12.15
N PHE A 233 -11.86 19.34 11.35
CA PHE A 233 -10.87 19.71 10.33
C PHE A 233 -11.38 20.87 9.47
N VAL A 234 -12.63 20.74 9.04
CA VAL A 234 -13.30 21.72 8.16
C VAL A 234 -13.36 23.15 8.78
N GLU A 235 -14.04 23.30 9.91
CA GLU A 235 -14.11 24.59 10.58
C GLU A 235 -12.76 25.14 11.02
N LYS A 236 -11.88 24.28 11.53
CA LYS A 236 -10.53 24.68 11.99
C LYS A 236 -9.56 25.13 10.87
N ILE A 237 -9.51 24.38 9.77
CA ILE A 237 -8.70 24.82 8.63
C ILE A 237 -9.32 26.04 7.92
N ALA A 238 -10.64 26.03 7.70
CA ALA A 238 -11.31 27.24 7.23
C ALA A 238 -11.00 28.47 8.14
N ALA A 239 -11.13 28.31 9.47
CA ALA A 239 -10.90 29.41 10.40
C ALA A 239 -9.45 29.95 10.36
N LEU A 240 -8.51 29.03 10.27
CA LEU A 240 -7.10 29.38 10.08
C LEU A 240 -6.80 30.05 8.74
N LEU A 241 -7.31 29.50 7.65
CA LEU A 241 -7.13 30.15 6.37
C LEU A 241 -7.69 31.57 6.31
N SER A 242 -8.87 31.78 6.90
CA SER A 242 -9.53 33.08 6.97
C SER A 242 -8.76 34.08 7.85
N GLN A 243 -8.13 33.58 8.90
CA GLN A 243 -7.31 34.42 9.75
C GLN A 243 -6.11 34.93 8.95
N TRP A 244 -5.64 34.08 8.04
CA TRP A 244 -4.58 34.43 7.11
C TRP A 244 -5.00 35.43 6.02
N LYS A 245 -6.17 35.20 5.41
CA LYS A 245 -6.76 36.14 4.50
C LYS A 245 -6.74 37.55 5.12
N GLU A 246 -7.34 37.70 6.29
CA GLU A 246 -7.44 38.99 7.00
C GLU A 246 -6.07 39.59 7.34
N ASP A 247 -5.21 38.82 8.01
CA ASP A 247 -3.85 39.28 8.35
C ASP A 247 -2.97 39.66 7.15
N LYS A 248 -3.03 38.87 6.08
CA LYS A 248 -2.11 39.02 4.95
C LYS A 248 -2.74 39.76 3.76
N GLY A 249 -3.97 40.24 3.96
CA GLY A 249 -4.75 40.93 2.92
C GLY A 249 -5.16 40.13 1.69
N TRP A 250 -5.41 38.81 1.83
CA TRP A 250 -5.65 37.93 0.66
C TRP A 250 -6.93 38.28 -0.08
N SER A 251 -6.89 38.14 -1.39
CA SER A 251 -8.09 38.28 -2.20
C SER A 251 -8.60 36.89 -2.56
N ILE A 252 -9.09 36.16 -1.55
CA ILE A 252 -9.81 34.92 -1.82
C ILE A 252 -10.98 34.76 -0.88
N ASP A 253 -11.94 33.94 -1.31
CA ASP A 253 -13.00 33.47 -0.48
C ASP A 253 -12.60 32.11 0.09
N ILE A 254 -12.91 31.90 1.38
CA ILE A 254 -12.61 30.67 2.07
C ILE A 254 -13.91 30.08 2.57
N LEU A 255 -14.21 28.86 2.13
CA LEU A 255 -15.43 28.20 2.58
C LEU A 255 -15.28 26.81 3.15
N PRO A 256 -15.93 26.56 4.30
CA PRO A 256 -16.04 25.19 4.79
C PRO A 256 -17.14 24.45 4.01
N SER A 257 -16.88 23.20 3.62
CA SER A 257 -17.87 22.39 2.95
C SER A 257 -19.03 22.16 3.90
N GLN A 258 -20.25 22.36 3.41
N GLN A 258 -20.24 22.36 3.38
CA GLN A 258 -21.43 22.10 4.23
CA GLN A 258 -21.49 22.20 4.13
C GLN A 258 -22.05 20.75 3.92
C GLN A 258 -22.21 20.89 3.79
N ALA A 259 -21.77 20.21 2.72
CA ALA A 259 -22.33 18.95 2.30
C ALA A 259 -21.87 17.84 3.23
N SER A 260 -22.80 17.26 3.96
CA SER A 260 -22.44 16.12 4.80
C SER A 260 -22.17 14.93 3.95
N THR A 261 -21.15 14.20 4.33
CA THR A 261 -20.72 12.99 3.65
C THR A 261 -20.77 11.79 4.61
N ASN A 262 -21.29 12.03 5.82
CA ASN A 262 -21.51 11.00 6.81
C ASN A 262 -22.52 9.97 6.26
N PRO A 263 -22.07 8.70 6.15
CA PRO A 263 -22.97 7.67 5.60
C PRO A 263 -23.84 6.98 6.65
N PHE A 264 -23.48 7.17 7.93
CA PHE A 264 -24.02 6.43 9.07
C PHE A 264 -24.94 7.23 9.96
N HIS A 265 -26.21 6.84 10.00
CA HIS A 265 -27.21 7.51 10.82
C HIS A 265 -27.83 6.51 11.79
N HIS A 266 -27.67 6.80 13.07
CA HIS A 266 -28.02 5.87 14.14
C HIS A 266 -29.51 5.70 14.48
N ILE A 267 -29.86 4.44 14.76
CA ILE A 267 -31.18 3.96 15.25
C ILE A 267 -32.39 4.27 14.36
N ASN B 1 -19.02 -45.76 30.30
CA ASN B 1 -18.80 -45.49 28.89
C ASN B 1 -19.12 -44.04 28.52
N ALA B 2 -18.23 -43.14 28.89
CA ALA B 2 -18.40 -41.72 28.64
C ALA B 2 -18.32 -41.43 27.16
N LEU B 4 -17.22 -39.99 23.82
CA LEU B 4 -16.06 -39.36 23.26
C LEU B 4 -16.47 -38.04 22.61
N ALA B 5 -15.71 -36.99 22.94
CA ALA B 5 -15.85 -35.64 22.39
C ALA B 5 -15.86 -35.66 20.87
N SER B 6 -15.12 -36.60 20.28
CA SER B 6 -15.07 -36.83 18.83
C SER B 6 -16.40 -37.26 18.25
N GLU B 7 -17.29 -37.83 19.06
CA GLU B 7 -18.59 -38.33 18.62
C GLU B 7 -19.63 -37.21 18.57
N VAL B 8 -19.57 -36.29 19.54
CA VAL B 8 -20.25 -35.00 19.42
C VAL B 8 -19.87 -34.24 18.12
N ILE B 9 -18.56 -34.15 17.87
CA ILE B 9 -18.00 -33.43 16.74
C ILE B 9 -18.33 -34.07 15.42
N GLN B 10 -18.29 -35.40 15.37
CA GLN B 10 -18.79 -36.15 14.21
C GLN B 10 -20.26 -35.87 13.85
N ALA B 11 -21.11 -35.79 14.87
CA ALA B 11 -22.51 -35.40 14.72
C ALA B 11 -22.64 -33.95 14.19
N TYR B 12 -21.92 -33.03 14.85
CA TYR B 12 -21.83 -31.64 14.42
C TYR B 12 -21.38 -31.56 12.96
N GLU B 13 -20.36 -32.31 12.61
CA GLU B 13 -19.77 -32.23 11.26
C GLU B 13 -20.58 -32.84 10.11
N ALA B 14 -21.43 -33.80 10.38
CA ALA B 14 -22.36 -34.32 9.40
C ALA B 14 -23.35 -33.23 8.97
N PHE B 15 -23.82 -32.44 9.96
CA PHE B 15 -24.54 -31.20 9.72
C PHE B 15 -23.68 -30.06 9.04
N CYS B 16 -22.51 -29.75 9.59
CA CYS B 16 -21.72 -28.58 9.18
C CYS B 16 -20.28 -29.02 8.96
N PRO B 17 -19.93 -29.49 7.74
CA PRO B 17 -18.56 -29.99 7.51
C PRO B 17 -17.49 -28.90 7.63
N GLN B 18 -16.35 -29.28 8.22
CA GLN B 18 -15.19 -28.42 8.29
C GLN B 18 -14.81 -27.88 6.91
N GLU B 19 -14.94 -28.74 5.89
CA GLU B 19 -14.55 -28.43 4.51
C GLU B 19 -15.39 -27.34 3.84
N PHE B 20 -16.58 -27.07 4.40
CA PHE B 20 -17.43 -25.96 3.96
C PHE B 20 -16.90 -24.61 4.41
N SER B 21 -15.90 -24.56 5.30
CA SER B 21 -15.20 -23.30 5.67
C SER B 21 -14.53 -22.67 4.47
N GLU B 23 -11.59 -20.91 2.36
CA GLU B 23 -10.17 -21.28 2.36
C GLU B 23 -9.33 -20.30 3.17
N GLY B 24 -8.39 -20.83 3.95
CA GLY B 24 -7.61 -20.01 4.88
C GLY B 24 -8.24 -19.80 6.25
N ASP B 25 -9.54 -20.06 6.37
CA ASP B 25 -10.28 -19.89 7.62
C ASP B 25 -9.95 -20.97 8.62
N SER B 26 -9.75 -20.59 9.88
CA SER B 26 -9.69 -21.54 11.00
C SER B 26 -10.88 -22.48 11.04
N ARG B 27 -10.63 -23.68 11.53
N ARG B 27 -10.63 -23.72 11.42
CA ARG B 27 -11.61 -24.71 11.52
CA ARG B 27 -11.67 -24.77 11.41
C ARG B 27 -11.17 -25.77 12.50
C ARG B 27 -11.21 -25.92 12.28
N GLY B 28 -12.15 -26.46 13.06
CA GLY B 28 -11.93 -27.68 13.78
C GLY B 28 -11.26 -27.46 15.08
N LEU B 29 -10.60 -28.51 15.55
CA LEU B 29 -10.02 -28.49 16.89
C LEU B 29 -8.76 -27.65 16.92
N GLN B 30 -8.61 -26.85 17.96
CA GLN B 30 -7.48 -25.89 17.99
C GLN B 30 -6.64 -26.13 19.20
N ILE B 31 -7.31 -26.48 20.29
CA ILE B 31 -6.71 -26.64 21.61
C ILE B 31 -7.17 -27.95 22.20
N GLY B 32 -6.23 -28.77 22.65
CA GLY B 32 -6.58 -29.99 23.38
C GLY B 32 -6.77 -31.22 22.56
N THR B 33 -7.65 -32.11 23.05
CA THR B 33 -7.94 -33.40 22.39
C THR B 33 -9.45 -33.68 22.32
N LEU B 34 -9.87 -34.50 21.37
CA LEU B 34 -11.24 -34.99 21.34
C LEU B 34 -11.33 -36.50 21.51
N ASP B 35 -10.24 -37.10 21.98
CA ASP B 35 -10.18 -38.55 22.11
C ASP B 35 -10.55 -39.08 23.47
N LYS B 36 -10.75 -38.22 24.44
CA LYS B 36 -11.19 -38.66 25.74
C LYS B 36 -12.70 -38.54 25.87
N GLY B 37 -13.27 -39.31 26.79
CA GLY B 37 -14.67 -39.21 27.13
C GLY B 37 -14.87 -37.91 27.88
N ILE B 38 -16.05 -37.32 27.70
CA ILE B 38 -16.37 -36.01 28.31
C ILE B 38 -17.77 -36.01 28.97
N GLN B 39 -18.08 -34.94 29.69
CA GLN B 39 -19.38 -34.74 30.34
C GLN B 39 -20.22 -33.61 29.72
N ARG B 40 -19.55 -32.49 29.47
CA ARG B 40 -20.18 -31.21 29.10
C ARG B 40 -19.54 -30.51 27.92
N VAL B 41 -20.42 -30.00 27.04
CA VAL B 41 -20.08 -29.09 25.92
C VAL B 41 -20.68 -27.72 26.12
N VAL B 43 -21.34 -23.98 24.14
CA VAL B 43 -21.33 -23.25 22.90
C VAL B 43 -21.02 -21.75 23.24
N ALA B 44 -20.13 -21.11 22.47
CA ALA B 44 -19.74 -19.70 22.70
C ALA B 44 -19.54 -19.00 21.37
N LEU B 45 -19.65 -17.69 21.43
CA LEU B 45 -19.30 -16.86 20.31
C LEU B 45 -17.78 -16.67 20.24
N ASP B 46 -17.17 -16.31 21.39
CA ASP B 46 -15.72 -16.00 21.57
C ASP B 46 -15.32 -16.71 22.82
N ILE B 47 -14.00 -16.88 23.02
CA ILE B 47 -13.50 -17.21 24.36
C ILE B 47 -12.64 -16.09 24.92
N ARG B 48 -13.24 -15.31 25.83
CA ARG B 48 -12.49 -14.30 26.60
C ARG B 48 -12.31 -14.74 28.03
N GLU B 49 -11.77 -13.89 28.89
CA GLU B 49 -11.56 -14.30 30.29
C GLU B 49 -12.81 -14.84 30.98
N GLU B 50 -13.93 -14.11 30.83
CA GLU B 50 -15.17 -14.53 31.46
C GLU B 50 -15.69 -15.87 30.93
N THR B 51 -15.45 -16.17 29.66
CA THR B 51 -15.80 -17.46 29.09
C THR B 51 -15.01 -18.58 29.73
N VAL B 52 -13.73 -18.29 29.99
CA VAL B 52 -12.80 -19.23 30.59
C VAL B 52 -13.23 -19.54 32.03
N ALA B 53 -13.48 -18.49 32.80
CA ALA B 53 -14.00 -18.63 34.18
C ALA B 53 -15.30 -19.39 34.18
N GLU B 54 -16.24 -19.00 33.34
CA GLU B 54 -17.54 -19.70 33.24
C GLU B 54 -17.37 -21.17 32.92
N ALA B 55 -16.50 -21.48 31.97
CA ALA B 55 -16.26 -22.89 31.57
C ALA B 55 -15.64 -23.73 32.69
N ILE B 56 -14.76 -23.11 33.47
CA ILE B 56 -14.09 -23.76 34.62
C ILE B 56 -15.12 -24.01 35.72
N GLU B 57 -15.94 -23.01 36.00
CA GLU B 57 -16.93 -23.09 37.07
C GLU B 57 -18.02 -24.14 36.77
N LYS B 58 -18.36 -24.32 35.50
CA LYS B 58 -19.40 -25.22 35.12
C LYS B 58 -18.87 -26.63 34.72
N GLY B 59 -17.56 -26.86 34.82
CA GLY B 59 -17.00 -28.21 34.54
C GLY B 59 -17.04 -28.62 33.07
N VAL B 60 -16.89 -27.64 32.18
CA VAL B 60 -16.93 -27.89 30.72
C VAL B 60 -15.61 -28.58 30.26
N ASP B 61 -15.71 -29.48 29.27
CA ASP B 61 -14.58 -30.25 28.76
C ASP B 61 -14.24 -29.85 27.36
N LEU B 62 -15.28 -29.40 26.65
CA LEU B 62 -15.22 -28.98 25.25
C LEU B 62 -16.04 -27.70 25.09
N ILE B 63 -15.43 -26.69 24.45
CA ILE B 63 -16.10 -25.50 23.97
C ILE B 63 -16.12 -25.51 22.42
N ILE B 64 -17.34 -25.36 21.90
CA ILE B 64 -17.60 -25.15 20.45
C ILE B 64 -17.77 -23.64 20.27
N VAL B 65 -16.89 -23.06 19.46
CA VAL B 65 -16.72 -21.63 19.32
C VAL B 65 -16.74 -21.25 17.84
N LYS B 66 -17.23 -20.02 17.61
CA LYS B 66 -17.33 -19.42 16.29
C LYS B 66 -16.09 -18.65 15.94
N HIS B 67 -15.56 -17.86 16.87
CA HIS B 67 -14.33 -17.11 16.59
C HIS B 67 -13.19 -17.83 17.24
N ALA B 68 -12.23 -18.20 16.41
CA ALA B 68 -11.05 -18.97 16.81
C ALA B 68 -10.22 -18.17 17.83
N PRO B 69 -9.80 -18.84 18.95
CA PRO B 69 -8.80 -18.26 19.86
C PRO B 69 -7.36 -18.31 19.34
N ILE B 70 -7.06 -19.21 18.42
CA ILE B 70 -5.80 -19.19 17.72
C ILE B 70 -6.09 -18.74 16.30
N PHE B 71 -5.93 -17.44 16.08
CA PHE B 71 -6.40 -16.80 14.88
C PHE B 71 -5.24 -16.41 13.97
N ARG B 72 -4.03 -16.44 14.54
CA ARG B 72 -2.74 -16.39 13.84
C ARG B 72 -1.72 -17.25 14.63
N PRO B 73 -0.57 -17.60 14.01
CA PRO B 73 0.43 -18.35 14.75
C PRO B 73 0.96 -17.66 16.01
N ILE B 74 1.19 -18.45 17.05
CA ILE B 74 1.67 -18.05 18.38
C ILE B 74 3.22 -17.96 18.40
N LYS B 75 3.74 -16.78 18.73
CA LYS B 75 5.18 -16.53 18.68
C LYS B 75 5.83 -17.09 19.92
N ASP B 76 5.15 -16.98 21.05
CA ASP B 76 5.67 -17.50 22.32
C ASP B 76 4.58 -17.91 23.27
N LEU B 77 4.95 -18.50 24.41
CA LEU B 77 3.97 -18.80 25.46
C LEU B 77 4.18 -17.99 26.76
N LEU B 78 4.60 -16.75 26.62
CA LEU B 78 4.76 -15.84 27.74
C LEU B 78 3.42 -15.59 28.43
N ALA B 79 3.41 -15.81 29.75
CA ALA B 79 2.26 -15.64 30.60
C ALA B 79 1.80 -14.18 30.62
N SER B 80 2.71 -13.22 30.52
CA SER B 80 2.37 -11.78 30.47
C SER B 80 1.55 -11.31 29.24
N ARG B 81 1.21 -12.21 28.32
CA ARG B 81 0.35 -11.88 27.20
C ARG B 81 -1.04 -12.35 27.56
N PRO B 82 -2.01 -11.41 27.68
CA PRO B 82 -3.39 -11.83 27.97
C PRO B 82 -3.94 -13.00 27.12
N GLN B 83 -3.63 -13.03 25.82
CA GLN B 83 -4.09 -14.10 24.97
C GLN B 83 -3.51 -15.45 25.44
N ASN B 84 -2.25 -15.45 25.91
CA ASN B 84 -1.61 -16.70 26.33
C ASN B 84 -2.15 -17.21 27.64
N GLN B 85 -2.55 -16.26 28.49
CA GLN B 85 -3.16 -16.56 29.78
C GLN B 85 -4.49 -17.26 29.62
N ILE B 86 -5.19 -16.97 28.54
CA ILE B 86 -6.41 -17.69 28.18
C ILE B 86 -6.05 -19.10 27.79
N TYR B 87 -5.07 -19.25 26.89
CA TYR B 87 -4.55 -20.55 26.48
C TYR B 87 -4.11 -21.37 27.67
N ILE B 88 -3.30 -20.77 28.55
CA ILE B 88 -2.79 -21.36 29.76
C ILE B 88 -3.88 -21.95 30.63
N ASP B 89 -4.93 -21.17 30.90
CA ASP B 89 -6.05 -21.59 31.75
C ASP B 89 -6.93 -22.67 31.13
N LEU B 90 -7.01 -22.70 29.81
CA LEU B 90 -7.76 -23.74 29.10
C LEU B 90 -7.03 -25.07 29.18
N ILE B 91 -5.71 -25.02 28.96
CA ILE B 91 -4.83 -26.22 29.01
C ILE B 91 -4.74 -26.88 30.39
N LYS B 92 -4.74 -26.05 31.43
CA LYS B 92 -4.62 -26.48 32.82
C LYS B 92 -5.89 -27.14 33.33
N HIS B 93 -7.04 -26.69 32.83
CA HIS B 93 -8.33 -27.25 33.21
C HIS B 93 -8.86 -28.22 32.16
N ASP B 94 -7.99 -28.57 31.21
CA ASP B 94 -8.31 -29.52 30.11
C ASP B 94 -9.60 -29.20 29.39
N ILE B 95 -9.73 -27.94 28.99
CA ILE B 95 -10.86 -27.55 28.14
C ILE B 95 -10.41 -27.58 26.66
N ALA B 96 -11.01 -28.46 25.88
CA ALA B 96 -10.74 -28.53 24.45
C ALA B 96 -11.57 -27.43 23.74
N VAL B 97 -11.06 -26.95 22.61
CA VAL B 97 -11.71 -25.89 21.88
C VAL B 97 -11.81 -26.22 20.40
N TYR B 98 -13.05 -26.21 19.91
CA TYR B 98 -13.39 -26.56 18.53
C TYR B 98 -14.03 -25.33 17.81
N VAL B 99 -13.51 -24.99 16.62
CA VAL B 99 -13.94 -23.83 15.81
C VAL B 99 -14.93 -24.15 14.63
N SER B 100 -16.07 -23.47 14.63
CA SER B 100 -16.96 -23.44 13.49
C SER B 100 -17.16 -22.04 13.02
N HIS B 101 -16.33 -21.55 12.11
CA HIS B 101 -16.39 -20.14 11.82
C HIS B 101 -17.23 -19.79 10.60
N THR B 102 -16.66 -19.82 9.40
CA THR B 102 -17.44 -19.46 8.18
C THR B 102 -18.29 -20.61 7.68
N ASN B 103 -17.98 -21.85 8.05
CA ASN B 103 -18.78 -22.97 7.57
C ASN B 103 -20.24 -22.90 8.07
N ILE B 104 -20.45 -22.47 9.31
CA ILE B 104 -21.80 -22.21 9.81
C ILE B 104 -22.55 -21.09 9.06
N ASP B 105 -21.80 -20.12 8.54
CA ASP B 105 -22.32 -19.02 7.73
C ASP B 105 -22.75 -19.46 6.33
N ILE B 106 -22.12 -20.53 5.85
CA ILE B 106 -22.25 -21.00 4.50
C ILE B 106 -23.30 -22.11 4.40
N VAL B 107 -23.36 -22.97 5.43
CA VAL B 107 -24.15 -24.20 5.41
C VAL B 107 -25.62 -23.89 5.37
N GLU B 108 -26.36 -24.79 4.74
CA GLU B 108 -27.80 -24.69 4.64
C GLU B 108 -28.45 -25.00 5.96
N ASN B 109 -29.43 -24.18 6.33
CA ASN B 109 -29.92 -24.15 7.72
C ASN B 109 -28.83 -23.72 8.73
N GLY B 110 -27.97 -22.79 8.33
CA GLY B 110 -26.97 -22.23 9.18
C GLY B 110 -27.31 -20.79 9.50
N LEU B 111 -26.36 -20.10 10.11
CA LEU B 111 -26.58 -18.80 10.67
C LEU B 111 -27.28 -17.82 9.73
N ASN B 112 -26.85 -17.71 8.47
CA ASN B 112 -27.50 -16.73 7.57
C ASN B 112 -28.93 -17.11 7.20
N ASP B 113 -29.20 -18.42 7.20
CA ASP B 113 -30.54 -18.91 7.04
C ASP B 113 -31.43 -18.58 8.22
N TRP B 114 -30.93 -18.79 9.44
CA TRP B 114 -31.66 -18.35 10.65
C TRP B 114 -32.03 -16.87 10.63
N PHE B 115 -31.12 -16.00 10.19
CA PHE B 115 -31.39 -14.56 10.01
C PHE B 115 -32.48 -14.30 9.01
N CYS B 116 -32.44 -15.01 7.90
CA CYS B 116 -33.46 -14.86 6.85
C CYS B 116 -34.82 -15.28 7.40
N GLN B 117 -34.89 -16.46 8.00
CA GLN B 117 -36.10 -16.89 8.74
C GLN B 117 -36.59 -15.80 9.72
N LEU B 119 -36.13 -12.59 9.68
CA LEU B 119 -36.53 -11.35 9.00
C LEU B 119 -37.55 -11.59 7.89
N GLY B 120 -37.82 -12.85 7.58
CA GLY B 120 -38.83 -13.18 6.59
C GLY B 120 -38.32 -13.03 5.18
N ILE B 121 -37.01 -13.21 5.00
CA ILE B 121 -36.39 -13.18 3.67
C ILE B 121 -36.59 -14.57 3.06
N GLU B 122 -37.28 -14.62 1.92
CA GLU B 122 -37.60 -15.87 1.23
C GLU B 122 -36.88 -16.07 -0.09
N GLU B 123 -37.04 -17.25 -0.64
CA GLU B 123 -36.51 -17.61 -1.97
C GLU B 123 -35.05 -17.24 -2.05
N THR B 124 -34.28 -17.69 -1.06
CA THR B 124 -32.89 -17.25 -0.88
C THR B 124 -31.87 -17.96 -1.78
N THR B 125 -30.72 -17.32 -1.97
CA THR B 125 -29.51 -17.97 -2.48
C THR B 125 -28.35 -17.24 -1.79
N TYR B 126 -27.13 -17.62 -2.11
CA TYR B 126 -25.96 -17.09 -1.43
C TYR B 126 -25.43 -15.90 -2.20
N LEU B 127 -24.57 -15.10 -1.56
CA LEU B 127 -23.96 -13.94 -2.17
C LEU B 127 -22.69 -14.34 -2.94
N GLN B 128 -21.74 -14.96 -2.23
CA GLN B 128 -20.50 -15.39 -2.87
C GLN B 128 -20.32 -16.89 -2.80
N GLU B 129 -20.25 -17.50 -3.99
CA GLU B 129 -20.05 -18.93 -4.14
C GLU B 129 -18.73 -19.32 -3.49
N THR B 130 -18.73 -20.41 -2.73
CA THR B 130 -17.51 -20.85 -2.07
C THR B 130 -17.28 -22.31 -2.40
N GLY B 131 -18.27 -22.92 -3.03
CA GLY B 131 -18.09 -24.25 -3.58
C GLY B 131 -19.32 -24.71 -4.31
N PRO B 132 -19.28 -25.99 -4.73
CA PRO B 132 -20.41 -26.60 -5.43
C PRO B 132 -21.79 -26.25 -4.86
N GLU B 133 -22.45 -25.31 -5.52
CA GLU B 133 -23.79 -24.87 -5.16
C GLU B 133 -23.88 -24.45 -3.68
N ARG B 134 -22.98 -23.56 -3.23
CA ARG B 134 -22.98 -23.08 -1.86
C ARG B 134 -22.13 -21.86 -1.75
N GLY B 135 -22.47 -21.03 -0.77
CA GLY B 135 -21.57 -19.95 -0.41
C GLY B 135 -22.04 -19.15 0.76
N ILE B 136 -21.34 -18.03 0.96
CA ILE B 136 -21.50 -17.17 2.12
C ILE B 136 -22.53 -16.04 1.81
N GLY B 137 -23.27 -15.61 2.84
CA GLY B 137 -24.29 -14.59 2.69
C GLY B 137 -25.56 -15.19 2.10
N ARG B 138 -26.64 -14.43 2.15
CA ARG B 138 -27.95 -14.75 1.59
C ARG B 138 -28.57 -13.48 1.04
N ILE B 139 -29.35 -13.65 -0.02
CA ILE B 139 -30.19 -12.60 -0.62
C ILE B 139 -31.53 -13.21 -0.99
N GLY B 140 -32.59 -12.48 -0.70
CA GLY B 140 -33.92 -12.87 -1.09
C GLY B 140 -34.88 -11.70 -1.01
N ASN B 141 -36.15 -12.04 -1.17
CA ASN B 141 -37.23 -11.08 -1.22
C ASN B 141 -38.05 -11.03 0.09
N ILE B 142 -38.41 -9.81 0.47
CA ILE B 142 -39.28 -9.61 1.62
C ILE B 142 -40.63 -9.11 1.11
N GLN B 143 -41.67 -9.24 1.97
CA GLN B 143 -42.88 -8.45 1.82
C GLN B 143 -42.46 -6.97 1.87
N PRO B 144 -42.84 -6.18 0.85
CA PRO B 144 -42.30 -4.82 0.75
C PRO B 144 -42.59 -3.91 1.97
N GLN B 145 -41.66 -3.00 2.25
CA GLN B 145 -41.80 -2.00 3.31
C GLN B 145 -40.68 -1.02 3.07
N THR B 146 -40.69 0.08 3.79
CA THR B 146 -39.76 1.15 3.56
C THR B 146 -38.49 0.86 4.31
N PHE B 147 -37.47 1.66 4.05
CA PHE B 147 -36.17 1.42 4.62
C PHE B 147 -36.18 1.53 6.15
N TRP B 148 -36.90 2.52 6.67
CA TRP B 148 -37.03 2.82 8.08
C TRP B 148 -37.73 1.71 8.86
N GLU B 149 -38.86 1.22 8.32
CA GLU B 149 -39.53 0.03 8.84
C GLU B 149 -38.60 -1.19 8.91
N LEU B 150 -37.94 -1.55 7.81
CA LEU B 150 -36.92 -2.61 7.88
C LEU B 150 -35.91 -2.37 9.00
N ALA B 151 -35.33 -1.18 9.05
CA ALA B 151 -34.39 -0.81 10.15
C ALA B 151 -34.98 -0.97 11.57
N GLN B 152 -36.22 -0.53 11.78
CA GLN B 152 -36.96 -0.82 13.02
C GLN B 152 -37.17 -2.33 13.27
N GLN B 153 -37.50 -3.09 12.23
CA GLN B 153 -37.64 -4.54 12.35
C GLN B 153 -36.31 -5.23 12.76
N VAL B 154 -35.24 -4.92 12.04
CA VAL B 154 -33.89 -5.35 12.43
C VAL B 154 -33.48 -4.97 13.89
N LYS B 155 -33.74 -3.75 14.32
CA LYS B 155 -33.40 -3.31 15.69
C LYS B 155 -34.11 -4.14 16.77
N GLN B 156 -35.40 -4.41 16.56
CA GLN B 156 -36.18 -5.24 17.45
C GLN B 156 -35.90 -6.75 17.35
N VAL B 157 -36.02 -7.32 16.16
CA VAL B 157 -35.78 -8.74 15.96
C VAL B 157 -34.46 -9.25 16.59
N PHE B 158 -33.47 -8.34 16.68
CA PHE B 158 -32.15 -8.67 17.23
C PHE B 158 -31.81 -8.04 18.60
N ASP B 159 -32.77 -7.34 19.20
CA ASP B 159 -32.60 -6.76 20.55
C ASP B 159 -31.37 -5.87 20.62
N LEU B 160 -31.38 -4.88 19.74
CA LEU B 160 -30.26 -3.97 19.60
C LEU B 160 -30.64 -2.68 20.27
N ASP B 161 -29.71 -2.10 21.01
CA ASP B 161 -29.98 -0.78 21.57
C ASP B 161 -29.46 0.31 20.68
N SER B 162 -28.76 -0.08 19.62
CA SER B 162 -28.59 0.79 18.48
C SER B 162 -28.29 0.00 17.22
N LEU B 163 -28.69 0.55 16.09
CA LEU B 163 -28.29 -0.01 14.81
C LEU B 163 -27.89 1.14 13.89
N ARG B 164 -26.84 0.94 13.09
CA ARG B 164 -26.45 1.97 12.13
C ARG B 164 -27.17 1.86 10.79
N VAL B 166 -27.29 3.01 6.94
CA VAL B 166 -26.50 3.60 5.89
C VAL B 166 -27.30 4.17 4.71
N HIS B 167 -27.42 5.50 4.76
CA HIS B 167 -28.07 6.38 3.79
C HIS B 167 -27.47 7.79 3.97
N TYR B 168 -27.78 8.69 3.03
CA TYR B 168 -27.36 10.10 3.16
C TYR B 168 -28.55 11.02 3.36
N GLN B 169 -29.60 10.73 2.62
CA GLN B 169 -30.76 11.57 2.38
C GLN B 169 -31.97 11.10 3.24
N GLU B 170 -32.54 12.02 4.04
CA GLU B 170 -33.74 11.74 4.86
C GLU B 170 -34.79 10.87 4.14
N ASP B 171 -34.98 11.11 2.83
CA ASP B 171 -35.95 10.42 1.99
C ASP B 171 -35.61 8.99 1.62
N ASP B 172 -34.41 8.55 1.98
CA ASP B 172 -34.01 7.15 1.82
C ASP B 172 -34.90 6.29 2.76
N LEU B 173 -35.11 6.84 3.96
CA LEU B 173 -36.04 6.34 4.98
C LEU B 173 -37.36 5.84 4.46
N GLN B 174 -37.86 6.44 3.39
CA GLN B 174 -39.19 6.11 2.85
C GLN B 174 -39.15 5.21 1.62
N LYS B 175 -37.93 4.83 1.22
CA LYS B 175 -37.68 4.03 0.01
C LYS B 175 -38.24 2.62 0.17
N PRO B 176 -39.09 2.17 -0.77
CA PRO B 176 -39.58 0.78 -0.72
C PRO B 176 -38.51 -0.27 -0.96
N ILE B 177 -38.35 -1.18 0.00
CA ILE B 177 -37.38 -2.26 -0.07
C ILE B 177 -38.14 -3.55 -0.25
N SER B 178 -37.70 -4.40 -1.16
CA SER B 178 -38.31 -5.71 -1.31
C SER B 178 -37.26 -6.82 -1.56
N ARG B 179 -36.02 -6.43 -1.75
CA ARG B 179 -34.96 -7.40 -1.93
C ARG B 179 -33.79 -7.05 -0.98
N VAL B 180 -33.42 -8.06 -0.18
CA VAL B 180 -32.50 -7.91 0.92
C VAL B 180 -31.43 -8.97 0.94
N ALA B 181 -30.20 -8.48 1.11
CA ALA B 181 -29.03 -9.31 1.34
C ALA B 181 -28.63 -9.22 2.81
N ILE B 182 -28.15 -10.33 3.35
CA ILE B 182 -27.67 -10.33 4.74
C ILE B 182 -26.44 -11.24 4.84
N CYS B 183 -25.52 -10.84 5.71
CA CYS B 183 -24.32 -11.60 5.98
C CYS B 183 -23.86 -11.29 7.37
N GLY B 184 -24.00 -12.27 8.24
CA GLY B 184 -23.44 -12.20 9.59
C GLY B 184 -21.97 -11.80 9.63
N GLY B 185 -21.59 -11.09 10.68
CA GLY B 185 -20.17 -10.70 10.82
C GLY B 185 -19.67 -9.78 9.72
N SER B 186 -18.42 -10.01 9.30
CA SER B 186 -17.67 -9.01 8.52
C SER B 186 -17.88 -9.24 7.04
N GLY B 187 -19.02 -8.80 6.52
CA GLY B 187 -19.35 -9.16 5.15
C GLY B 187 -19.32 -8.06 4.11
N GLN B 188 -18.64 -6.94 4.38
CA GLN B 188 -18.70 -5.77 3.50
C GLN B 188 -18.01 -6.04 2.16
N SER B 189 -17.10 -7.00 2.09
CA SER B 189 -16.44 -7.30 0.84
C SER B 189 -17.35 -8.12 -0.09
N PHE B 190 -18.51 -8.56 0.39
CA PHE B 190 -19.52 -9.16 -0.51
C PHE B 190 -20.58 -8.21 -1.01
N TYR B 191 -20.44 -6.90 -0.80
CA TYR B 191 -21.49 -6.00 -1.23
C TYR B 191 -21.75 -5.88 -2.75
N LYS B 192 -20.69 -6.06 -3.56
CA LYS B 192 -20.84 -6.01 -5.02
C LYS B 192 -21.69 -7.19 -5.49
N ASP B 193 -21.45 -8.35 -4.89
CA ASP B 193 -22.28 -9.54 -5.07
C ASP B 193 -23.77 -9.27 -4.76
N ALA B 194 -24.05 -8.65 -3.62
CA ALA B 194 -25.40 -8.17 -3.26
C ALA B 194 -26.00 -7.20 -4.31
N LEU B 195 -25.28 -6.12 -4.60
CA LEU B 195 -25.65 -5.27 -5.69
C LEU B 195 -25.89 -6.04 -7.02
N ALA B 196 -24.99 -6.94 -7.45
CA ALA B 196 -25.18 -7.68 -8.71
C ALA B 196 -26.45 -8.57 -8.76
N LYS B 197 -26.91 -9.01 -7.58
CA LYS B 197 -28.00 -9.96 -7.42
C LYS B 197 -29.30 -9.25 -7.05
N GLY B 198 -29.24 -7.92 -6.97
CA GLY B 198 -30.42 -7.09 -7.03
C GLY B 198 -30.95 -6.63 -5.70
N ALA B 199 -30.06 -6.56 -4.71
CA ALA B 199 -30.45 -6.10 -3.35
C ALA B 199 -30.73 -4.61 -3.36
N ASP B 200 -31.86 -4.21 -2.77
CA ASP B 200 -32.10 -2.81 -2.39
C ASP B 200 -31.32 -2.43 -1.11
N VAL B 201 -31.14 -3.41 -0.21
CA VAL B 201 -30.47 -3.25 1.08
C VAL B 201 -29.54 -4.43 1.41
N TYR B 202 -28.42 -4.10 2.06
CA TYR B 202 -27.41 -5.05 2.53
C TYR B 202 -27.28 -4.98 4.04
N ILE B 203 -27.51 -6.11 4.70
CA ILE B 203 -27.34 -6.14 6.16
C ILE B 203 -26.04 -6.88 6.47
N THR B 204 -25.08 -6.18 7.08
CA THR B 204 -23.80 -6.81 7.42
C THR B 204 -23.12 -6.02 8.54
N GLY B 205 -22.19 -6.65 9.27
CA GLY B 205 -21.50 -5.98 10.36
C GLY B 205 -20.17 -5.41 9.94
N ASP B 206 -19.65 -4.53 10.81
CA ASP B 206 -18.26 -3.99 10.66
C ASP B 206 -18.08 -3.29 9.29
N ILE B 207 -19.02 -2.39 8.94
CA ILE B 207 -18.94 -1.64 7.70
C ILE B 207 -18.08 -0.40 7.92
N TYR B 208 -16.94 -0.35 7.23
CA TYR B 208 -16.07 0.80 7.30
C TYR B 208 -16.76 2.04 6.70
N TYR B 209 -16.35 3.19 7.21
CA TYR B 209 -16.82 4.48 6.75
C TYR B 209 -16.78 4.63 5.20
N HIS B 210 -15.59 4.38 4.64
CA HIS B 210 -15.36 4.54 3.21
C HIS B 210 -16.10 3.48 2.39
N THR B 211 -16.16 2.23 2.84
CA THR B 211 -16.98 1.26 2.12
C THR B 211 -18.47 1.66 2.06
N ALA B 212 -19.00 2.14 3.18
CA ALA B 212 -20.39 2.62 3.26
C ALA B 212 -20.66 3.70 2.21
N GLN B 213 -19.71 4.59 2.00
CA GLN B 213 -19.81 5.63 0.97
C GLN B 213 -19.86 5.01 -0.41
N ASP B 214 -19.04 3.98 -0.62
CA ASP B 214 -19.01 3.25 -1.87
C ASP B 214 -20.32 2.54 -2.16
N LEU B 216 -23.17 3.45 -1.22
CA LEU B 216 -24.12 4.50 -1.48
C LEU B 216 -23.95 5.13 -2.86
N SER B 217 -22.69 5.31 -3.26
CA SER B 217 -22.35 5.64 -4.65
C SER B 217 -22.97 4.64 -5.62
N ASP B 218 -23.04 3.35 -5.25
CA ASP B 218 -23.61 2.30 -6.09
C ASP B 218 -25.14 2.27 -5.99
N GLY B 219 -25.69 3.06 -5.05
CA GLY B 219 -27.15 3.15 -4.82
C GLY B 219 -27.73 2.02 -3.99
N LEU B 220 -26.87 1.44 -3.17
CA LEU B 220 -27.18 0.36 -2.21
C LEU B 220 -27.25 0.94 -0.78
N LEU B 221 -28.44 0.83 -0.17
CA LEU B 221 -28.62 1.12 1.25
C LEU B 221 -28.09 -0.05 2.07
N ALA B 222 -27.74 0.22 3.32
CA ALA B 222 -27.23 -0.83 4.21
C ALA B 222 -27.73 -0.65 5.66
N LEU B 223 -27.57 -1.70 6.45
CA LEU B 223 -27.87 -1.69 7.88
C LEU B 223 -26.71 -2.35 8.55
N ASP B 224 -26.10 -1.69 9.53
CA ASP B 224 -24.99 -2.33 10.30
C ASP B 224 -25.50 -2.58 11.73
N PRO B 225 -25.93 -3.84 12.01
CA PRO B 225 -26.41 -4.31 13.33
C PRO B 225 -25.31 -4.66 14.33
N GLY B 226 -24.06 -4.33 14.00
CA GLY B 226 -22.90 -4.72 14.78
C GLY B 226 -22.65 -6.23 14.78
N HIS B 227 -21.49 -6.62 15.28
CA HIS B 227 -21.09 -8.02 15.39
C HIS B 227 -21.93 -8.93 16.25
N TYR B 228 -22.59 -8.40 17.27
CA TYR B 228 -23.23 -9.26 18.24
C TYR B 228 -24.52 -9.95 17.78
N ILE B 229 -25.11 -9.59 16.64
CA ILE B 229 -26.26 -10.40 16.16
C ILE B 229 -25.87 -11.87 15.92
N GLU B 230 -24.57 -12.14 15.95
CA GLU B 230 -24.16 -13.49 15.80
C GLU B 230 -24.15 -14.32 17.10
N VAL B 231 -24.55 -13.76 18.26
CA VAL B 231 -24.94 -14.62 19.41
C VAL B 231 -26.05 -15.64 19.11
N ILE B 232 -26.84 -15.40 18.09
CA ILE B 232 -27.82 -16.41 17.63
C ILE B 232 -27.11 -17.79 17.52
N PHE B 233 -25.87 -17.80 17.00
CA PHE B 233 -24.98 -18.98 17.00
C PHE B 233 -25.06 -19.82 18.29
N VAL B 234 -24.89 -19.16 19.43
CA VAL B 234 -24.86 -19.81 20.75
C VAL B 234 -26.17 -20.53 21.00
N GLU B 235 -27.28 -19.83 20.78
CA GLU B 235 -28.60 -20.26 21.17
C GLU B 235 -29.04 -21.39 20.29
N LYS B 236 -28.88 -21.18 18.98
CA LYS B 236 -29.28 -22.15 17.96
C LYS B 236 -28.46 -23.45 17.94
N ILE B 237 -27.16 -23.35 18.07
CA ILE B 237 -26.29 -24.51 18.17
C ILE B 237 -26.35 -25.29 19.51
N ALA B 238 -26.48 -24.59 20.63
CA ALA B 238 -26.83 -25.25 21.92
C ALA B 238 -28.17 -26.02 21.83
N ALA B 239 -29.22 -25.39 21.26
CA ALA B 239 -30.51 -26.06 21.08
C ALA B 239 -30.41 -27.26 20.14
N LEU B 240 -29.67 -27.11 19.03
CA LEU B 240 -29.47 -28.17 18.03
C LEU B 240 -28.83 -29.38 18.67
N LEU B 241 -27.75 -29.14 19.42
CA LEU B 241 -27.06 -30.19 20.18
C LEU B 241 -27.83 -30.75 21.37
N SER B 242 -28.52 -29.92 22.15
CA SER B 242 -29.46 -30.47 23.16
C SER B 242 -30.57 -31.39 22.58
N GLN B 243 -31.04 -31.11 21.35
CA GLN B 243 -32.10 -31.89 20.75
C GLN B 243 -31.57 -33.24 20.31
N TRP B 244 -30.37 -33.24 19.75
CA TRP B 244 -29.64 -34.46 19.42
C TRP B 244 -29.38 -35.31 20.65
N LYS B 245 -28.90 -34.64 21.70
CA LYS B 245 -28.66 -35.25 22.98
C LYS B 245 -29.89 -36.00 23.49
N GLU B 246 -31.06 -35.37 23.40
CA GLU B 246 -32.30 -35.92 23.92
C GLU B 246 -32.81 -37.05 23.06
N ASP B 247 -32.83 -36.85 21.74
CA ASP B 247 -33.34 -37.82 20.76
C ASP B 247 -32.44 -39.08 20.71
N LYS B 248 -31.12 -38.84 20.65
CA LYS B 248 -30.11 -39.88 20.51
C LYS B 248 -29.59 -40.56 21.83
N GLY B 249 -30.12 -40.09 22.97
CA GLY B 249 -29.76 -40.62 24.26
C GLY B 249 -28.30 -40.41 24.59
N TRP B 250 -27.77 -39.20 24.34
CA TRP B 250 -26.36 -38.92 24.64
C TRP B 250 -26.13 -38.74 26.14
N SER B 251 -24.99 -39.24 26.60
CA SER B 251 -24.64 -39.08 27.99
C SER B 251 -23.78 -37.82 28.22
N ILE B 252 -24.21 -36.68 27.70
CA ILE B 252 -23.55 -35.40 27.99
C ILE B 252 -24.56 -34.28 28.27
N ASP B 253 -24.11 -33.22 28.94
CA ASP B 253 -24.85 -31.95 29.07
C ASP B 253 -24.33 -30.96 28.03
N ILE B 254 -25.25 -30.24 27.36
CA ILE B 254 -24.91 -29.17 26.41
C ILE B 254 -25.40 -27.80 26.90
N LEU B 255 -24.47 -26.88 27.21
CA LEU B 255 -24.77 -25.56 27.80
C LEU B 255 -24.47 -24.43 26.82
N PRO B 256 -25.38 -23.42 26.75
CA PRO B 256 -25.03 -22.19 26.03
C PRO B 256 -24.17 -21.34 26.97
N SER B 257 -23.10 -20.73 26.46
CA SER B 257 -22.32 -19.79 27.25
C SER B 257 -23.17 -18.56 27.55
N GLN B 258 -23.16 -18.10 28.79
CA GLN B 258 -23.81 -16.83 28.99
C GLN B 258 -23.00 -15.70 29.57
N ALA B 259 -21.67 -15.83 29.58
CA ALA B 259 -20.80 -14.70 29.88
C ALA B 259 -20.72 -13.83 28.61
N SER B 260 -21.11 -12.58 28.71
CA SER B 260 -21.10 -11.66 27.56
C SER B 260 -19.67 -11.24 27.32
N THR B 261 -19.26 -11.32 26.06
CA THR B 261 -17.95 -10.91 25.62
C THR B 261 -18.12 -9.77 24.60
N ASN B 262 -19.27 -9.12 24.67
CA ASN B 262 -19.54 -7.92 23.90
C ASN B 262 -18.80 -6.72 24.53
N PRO B 263 -17.85 -6.11 23.76
CA PRO B 263 -17.10 -5.02 24.33
C PRO B 263 -17.80 -3.66 24.17
N PHE B 264 -18.96 -3.64 23.56
CA PHE B 264 -19.55 -2.37 23.09
C PHE B 264 -20.88 -2.03 23.71
N HIS B 265 -20.86 -0.96 24.51
CA HIS B 265 -22.05 -0.45 25.17
C HIS B 265 -22.36 0.97 24.73
N HIS B 266 -23.48 1.09 24.03
CA HIS B 266 -23.91 2.35 23.44
C HIS B 266 -24.43 3.40 24.41
N ILE B 267 -24.04 4.64 24.11
CA ILE B 267 -24.29 5.84 24.93
C ILE B 267 -24.40 5.58 26.44
N ALA C 2 57.91 -13.05 -17.58
CA ALA C 2 56.69 -12.54 -18.32
C ALA C 2 55.80 -11.87 -17.32
N LEU C 4 52.74 -10.63 -15.17
CA LEU C 4 51.44 -11.21 -14.83
C LEU C 4 50.34 -10.32 -15.45
N ALA C 5 49.24 -10.96 -15.85
CA ALA C 5 48.07 -10.26 -16.41
C ALA C 5 47.51 -9.24 -15.39
N SER C 6 47.54 -9.62 -14.09
CA SER C 6 47.21 -8.72 -12.97
C SER C 6 48.02 -7.41 -12.79
N GLU C 7 49.12 -7.27 -13.51
N GLU C 7 49.15 -7.25 -13.49
CA GLU C 7 49.95 -6.06 -13.49
CA GLU C 7 49.91 -5.98 -13.48
C GLU C 7 49.46 -5.09 -14.57
C GLU C 7 49.33 -5.05 -14.52
N VAL C 8 48.77 -5.62 -15.58
CA VAL C 8 48.07 -4.82 -16.59
C VAL C 8 46.79 -4.29 -15.94
N ILE C 9 46.10 -5.16 -15.22
CA ILE C 9 44.85 -4.83 -14.59
C ILE C 9 44.99 -3.82 -13.41
N GLN C 10 46.10 -3.90 -12.67
CA GLN C 10 46.43 -2.89 -11.66
C GLN C 10 46.53 -1.49 -12.23
N ALA C 11 47.17 -1.36 -13.39
CA ALA C 11 47.25 -0.11 -14.16
C ALA C 11 45.89 0.40 -14.70
N TYR C 12 45.08 -0.52 -15.24
CA TYR C 12 43.70 -0.25 -15.63
C TYR C 12 42.84 0.23 -14.43
N GLU C 13 42.95 -0.46 -13.30
CA GLU C 13 42.08 -0.19 -12.17
C GLU C 13 42.45 1.07 -11.41
N ALA C 14 43.63 1.60 -11.65
CA ALA C 14 44.05 2.86 -11.05
C ALA C 14 43.55 4.06 -11.90
N PHE C 15 43.21 3.78 -13.17
CA PHE C 15 42.55 4.75 -14.02
C PHE C 15 41.06 4.60 -13.81
N CYS C 16 40.60 3.35 -13.89
CA CYS C 16 39.18 3.03 -13.93
C CYS C 16 38.83 1.97 -12.92
N PRO C 17 38.65 2.35 -11.62
CA PRO C 17 38.32 1.41 -10.53
C PRO C 17 37.08 0.58 -10.75
N GLN C 18 37.13 -0.67 -10.33
CA GLN C 18 35.96 -1.57 -10.33
C GLN C 18 34.74 -1.01 -9.61
N GLU C 19 34.98 -0.20 -8.58
CA GLU C 19 33.95 0.33 -7.67
C GLU C 19 33.17 1.44 -8.33
N PHE C 20 33.80 2.12 -9.28
CA PHE C 20 33.12 3.16 -10.02
C PHE C 20 32.01 2.60 -10.90
N SER C 21 31.95 1.27 -11.08
CA SER C 21 30.82 0.58 -11.72
C SER C 21 29.54 0.85 -10.97
N GLU C 23 25.92 0.02 -9.20
CA GLU C 23 25.53 -1.00 -8.25
C GLU C 23 24.86 -2.17 -8.96
N GLY C 24 25.40 -3.38 -8.76
CA GLY C 24 24.80 -4.62 -9.32
C GLY C 24 25.26 -4.95 -10.72
N ASP C 25 26.14 -4.11 -11.25
CA ASP C 25 26.71 -4.26 -12.60
C ASP C 25 27.89 -5.26 -12.61
N SER C 26 28.07 -6.03 -13.68
CA SER C 26 29.23 -6.93 -13.79
C SER C 26 30.51 -6.10 -13.82
N ARG C 27 31.59 -6.62 -13.26
CA ARG C 27 32.83 -5.85 -13.15
C ARG C 27 33.96 -6.83 -13.00
N GLY C 28 35.16 -6.47 -13.50
CA GLY C 28 36.35 -7.27 -13.24
C GLY C 28 36.39 -8.63 -13.91
N LEU C 29 37.20 -9.51 -13.36
CA LEU C 29 37.48 -10.78 -13.99
C LEU C 29 36.26 -11.66 -13.84
N GLN C 30 35.83 -12.27 -14.96
CA GLN C 30 34.71 -13.20 -14.97
C GLN C 30 35.14 -14.61 -15.38
N ILE C 31 36.12 -14.71 -16.27
CA ILE C 31 36.58 -16.01 -16.76
C ILE C 31 38.10 -16.08 -16.68
N GLY C 32 38.61 -17.23 -16.23
CA GLY C 32 40.08 -17.52 -16.15
C GLY C 32 40.79 -17.03 -14.91
N THR C 33 42.01 -16.54 -15.10
CA THR C 33 42.83 -16.06 -14.00
C THR C 33 43.70 -14.90 -14.46
N LEU C 34 44.15 -14.10 -13.51
CA LEU C 34 45.10 -13.04 -13.80
C LEU C 34 46.49 -13.23 -13.23
N ASP C 35 46.72 -14.34 -12.53
CA ASP C 35 48.05 -14.61 -11.99
C ASP C 35 48.88 -15.62 -12.75
N LYS C 36 48.89 -15.52 -14.07
CA LYS C 36 49.91 -16.16 -14.87
C LYS C 36 50.54 -15.12 -15.78
N GLY C 37 51.77 -15.35 -16.16
CA GLY C 37 52.46 -14.48 -17.12
C GLY C 37 51.69 -14.46 -18.42
N ILE C 38 51.67 -13.32 -19.10
CA ILE C 38 50.94 -13.24 -20.36
C ILE C 38 51.74 -12.51 -21.44
N GLN C 39 51.34 -12.66 -22.70
CA GLN C 39 52.03 -11.98 -23.78
C GLN C 39 51.14 -11.01 -24.53
N ARG C 40 49.83 -11.27 -24.58
CA ARG C 40 48.92 -10.46 -25.40
C ARG C 40 47.58 -10.17 -24.74
N VAL C 41 47.09 -8.94 -24.99
CA VAL C 41 45.85 -8.40 -24.44
C VAL C 41 45.07 -7.82 -25.61
N VAL C 43 41.65 -5.66 -26.63
CA VAL C 43 40.49 -4.82 -26.25
C VAL C 43 39.33 -5.11 -27.22
N ALA C 44 38.17 -5.45 -26.65
CA ALA C 44 36.94 -5.72 -27.44
C ALA C 44 35.74 -4.97 -26.85
N LEU C 45 34.74 -4.71 -27.65
CA LEU C 45 33.51 -4.17 -27.14
C LEU C 45 32.58 -5.29 -26.54
N ASP C 46 32.45 -6.41 -27.29
CA ASP C 46 31.57 -7.59 -27.04
C ASP C 46 32.51 -8.76 -27.23
N ILE C 47 32.19 -9.90 -26.63
CA ILE C 47 32.77 -11.14 -27.11
C ILE C 47 31.75 -12.06 -27.80
N ARG C 48 31.85 -12.11 -29.13
CA ARG C 48 31.03 -13.05 -29.94
C ARG C 48 31.92 -14.08 -30.62
N GLU C 49 31.33 -14.96 -31.42
CA GLU C 49 32.07 -16.06 -32.03
C GLU C 49 33.28 -15.57 -32.82
N GLU C 50 33.14 -14.48 -33.57
N GLU C 50 33.05 -14.49 -33.59
CA GLU C 50 34.29 -14.05 -34.36
CA GLU C 50 34.09 -13.81 -34.37
C GLU C 50 35.34 -13.27 -33.54
C GLU C 50 35.27 -13.44 -33.47
N THR C 51 34.97 -12.82 -32.34
CA THR C 51 35.97 -12.26 -31.37
C THR C 51 36.82 -13.37 -30.74
N VAL C 52 36.13 -14.43 -30.33
CA VAL C 52 36.80 -15.67 -29.91
C VAL C 52 37.82 -16.22 -30.96
N ALA C 53 37.34 -16.54 -32.16
CA ALA C 53 38.24 -16.93 -33.28
C ALA C 53 39.41 -15.99 -33.52
N GLU C 54 39.18 -14.69 -33.40
CA GLU C 54 40.27 -13.70 -33.56
C GLU C 54 41.28 -13.78 -32.41
N ALA C 55 40.78 -14.02 -31.19
CA ALA C 55 41.64 -14.10 -30.00
C ALA C 55 42.52 -15.35 -30.03
N ILE C 56 41.94 -16.43 -30.58
CA ILE C 56 42.63 -17.70 -30.79
C ILE C 56 43.74 -17.55 -31.84
N GLU C 57 43.39 -16.96 -32.98
CA GLU C 57 44.32 -16.81 -34.09
C GLU C 57 45.47 -15.86 -33.79
N LYS C 58 45.22 -14.93 -32.89
CA LYS C 58 46.21 -13.91 -32.59
C LYS C 58 47.04 -14.22 -31.34
N GLY C 59 46.68 -15.27 -30.61
CA GLY C 59 47.45 -15.71 -29.44
C GLY C 59 47.15 -14.87 -28.20
N VAL C 60 45.89 -14.46 -28.07
CA VAL C 60 45.47 -13.61 -26.94
C VAL C 60 45.37 -14.39 -25.61
N ASP C 61 45.91 -13.80 -24.55
CA ASP C 61 45.83 -14.39 -23.19
C ASP C 61 44.73 -13.73 -22.36
N LEU C 62 44.49 -12.44 -22.63
CA LEU C 62 43.57 -11.63 -21.88
C LEU C 62 42.79 -10.71 -22.83
N ILE C 63 41.48 -10.68 -22.62
CA ILE C 63 40.56 -9.77 -23.30
C ILE C 63 39.97 -8.90 -22.23
N ILE C 64 40.13 -7.60 -22.42
CA ILE C 64 39.39 -6.57 -21.68
C ILE C 64 38.19 -6.14 -22.54
N VAL C 65 36.99 -6.24 -21.97
CA VAL C 65 35.74 -6.11 -22.73
C VAL C 65 34.83 -5.17 -21.96
N LYS C 66 34.02 -4.43 -22.71
CA LYS C 66 32.94 -3.58 -22.16
C LYS C 66 31.67 -4.34 -21.71
N HIS C 67 31.08 -5.16 -22.58
CA HIS C 67 29.86 -5.89 -22.21
C HIS C 67 30.19 -7.27 -21.66
N ALA C 68 29.75 -7.56 -20.46
CA ALA C 68 30.04 -8.88 -19.88
C ALA C 68 29.57 -10.09 -20.72
N PRO C 69 30.47 -11.10 -20.89
CA PRO C 69 30.02 -12.36 -21.49
C PRO C 69 29.17 -13.20 -20.53
N ILE C 70 29.32 -12.99 -19.22
CA ILE C 70 28.46 -13.57 -18.19
C ILE C 70 27.62 -12.42 -17.59
N PHE C 71 26.43 -12.22 -18.16
CA PHE C 71 25.57 -11.08 -17.81
C PHE C 71 24.45 -11.52 -16.87
N ARG C 72 24.43 -12.80 -16.53
CA ARG C 72 23.47 -13.39 -15.58
C ARG C 72 23.98 -14.79 -15.23
N PRO C 73 23.45 -15.42 -14.17
CA PRO C 73 24.05 -16.71 -13.81
C PRO C 73 23.84 -17.77 -14.89
N ILE C 74 24.81 -18.66 -15.03
CA ILE C 74 24.81 -19.72 -16.01
C ILE C 74 24.07 -20.93 -15.38
N LYS C 75 23.08 -21.47 -16.07
CA LYS C 75 22.28 -22.59 -15.52
C LYS C 75 22.91 -23.96 -15.80
N ASP C 76 23.53 -24.12 -16.96
CA ASP C 76 24.19 -25.38 -17.31
C ASP C 76 25.36 -25.11 -18.22
N LEU C 77 26.16 -26.13 -18.52
CA LEU C 77 27.28 -25.94 -19.44
C LEU C 77 27.16 -26.78 -20.73
N LEU C 78 25.92 -26.85 -21.23
CA LEU C 78 25.58 -27.54 -22.47
C LEU C 78 26.20 -26.90 -23.71
N ALA C 79 27.03 -27.68 -24.39
CA ALA C 79 27.71 -27.32 -25.63
C ALA C 79 26.75 -26.83 -26.74
N SER C 80 25.54 -27.36 -26.78
CA SER C 80 24.52 -26.92 -27.75
C SER C 80 23.97 -25.48 -27.53
N ARG C 81 24.27 -24.83 -26.41
CA ARG C 81 23.93 -23.41 -26.27
C ARG C 81 25.06 -22.54 -26.82
N PRO C 82 24.78 -21.70 -27.86
CA PRO C 82 25.81 -20.82 -28.43
C PRO C 82 26.66 -19.99 -27.44
N GLN C 83 26.02 -19.45 -26.41
CA GLN C 83 26.70 -18.70 -25.35
C GLN C 83 27.71 -19.57 -24.59
N ASN C 84 27.36 -20.84 -24.35
CA ASN C 84 28.29 -21.79 -23.70
C ASN C 84 29.48 -22.17 -24.63
N GLN C 85 29.21 -22.37 -25.90
CA GLN C 85 30.26 -22.55 -26.87
C GLN C 85 31.36 -21.45 -26.85
N ILE C 86 30.95 -20.18 -26.66
CA ILE C 86 31.91 -19.07 -26.47
C ILE C 86 32.75 -19.26 -25.21
N TYR C 87 32.09 -19.58 -24.08
CA TYR C 87 32.74 -19.94 -22.82
C TYR C 87 33.71 -21.10 -22.97
N ILE C 88 33.22 -22.21 -23.52
CA ILE C 88 34.01 -23.40 -23.84
C ILE C 88 35.31 -23.07 -24.59
N ASP C 89 35.24 -22.29 -25.66
CA ASP C 89 36.40 -21.95 -26.46
C ASP C 89 37.40 -21.10 -25.74
N LEU C 90 36.92 -20.13 -24.95
CA LEU C 90 37.78 -19.30 -24.12
C LEU C 90 38.54 -20.13 -23.09
N ILE C 91 37.83 -21.00 -22.39
CA ILE C 91 38.42 -21.81 -21.33
C ILE C 91 39.48 -22.76 -21.91
N LYS C 92 39.14 -23.44 -23.00
CA LYS C 92 40.05 -24.35 -23.70
C LYS C 92 41.35 -23.71 -24.22
N HIS C 93 41.26 -22.43 -24.61
CA HIS C 93 42.40 -21.67 -25.11
C HIS C 93 43.02 -20.80 -24.01
N ASP C 94 42.57 -21.00 -22.77
CA ASP C 94 43.07 -20.24 -21.61
C ASP C 94 43.04 -18.75 -21.88
N ILE C 95 41.91 -18.26 -22.36
CA ILE C 95 41.73 -16.82 -22.55
C ILE C 95 40.92 -16.29 -21.38
N ALA C 96 41.53 -15.36 -20.64
CA ALA C 96 40.85 -14.68 -19.56
C ALA C 96 40.06 -13.47 -20.09
N VAL C 97 38.99 -13.14 -19.37
CA VAL C 97 38.10 -12.07 -19.75
C VAL C 97 37.82 -11.18 -18.55
N TYR C 98 38.21 -9.91 -18.69
CA TYR C 98 38.00 -8.85 -17.68
C TYR C 98 36.95 -7.82 -18.16
N VAL C 99 36.01 -7.47 -17.30
CA VAL C 99 34.91 -6.55 -17.66
C VAL C 99 35.11 -5.15 -17.09
N SER C 100 34.97 -4.14 -17.96
CA SER C 100 34.83 -2.74 -17.59
C SER C 100 33.56 -2.21 -18.24
N HIS C 101 32.43 -2.30 -17.55
CA HIS C 101 31.16 -1.94 -18.20
C HIS C 101 30.74 -0.49 -17.94
N THR C 102 30.09 -0.18 -16.83
CA THR C 102 29.68 1.19 -16.56
C THR C 102 30.75 2.07 -15.94
N ASN C 103 31.80 1.46 -15.38
CA ASN C 103 32.85 2.28 -14.75
C ASN C 103 33.57 3.18 -15.74
N ILE C 104 33.94 2.62 -16.90
CA ILE C 104 34.56 3.38 -17.99
C ILE C 104 33.62 4.51 -18.51
N ASP C 105 32.31 4.30 -18.40
CA ASP C 105 31.32 5.35 -18.71
C ASP C 105 31.47 6.54 -17.75
N ILE C 106 31.52 6.22 -16.46
CA ILE C 106 31.55 7.17 -15.37
C ILE C 106 32.87 7.98 -15.19
N VAL C 107 34.01 7.30 -15.18
CA VAL C 107 35.32 7.90 -14.88
C VAL C 107 35.65 9.13 -15.71
N GLU C 108 36.54 9.98 -15.19
CA GLU C 108 36.94 11.16 -15.91
C GLU C 108 37.79 10.73 -17.08
N ASN C 109 37.48 11.29 -18.25
CA ASN C 109 38.15 10.96 -19.50
C ASN C 109 37.78 9.52 -19.93
N GLY C 110 36.61 9.06 -19.43
CA GLY C 110 35.95 7.82 -19.78
C GLY C 110 35.15 8.00 -21.05
N LEU C 111 34.26 7.06 -21.29
CA LEU C 111 33.54 6.98 -22.56
C LEU C 111 32.71 8.22 -22.91
N ASN C 112 32.00 8.75 -21.91
CA ASN C 112 31.12 9.89 -22.16
C ASN C 112 31.87 11.19 -22.24
N ASP C 113 33.03 11.31 -21.57
CA ASP C 113 33.92 12.46 -21.80
C ASP C 113 34.55 12.48 -23.20
N TRP C 114 34.88 11.30 -23.72
CA TRP C 114 35.36 11.23 -25.11
C TRP C 114 34.32 11.76 -26.07
N PHE C 115 33.06 11.31 -25.94
CA PHE C 115 31.95 11.80 -26.79
C PHE C 115 31.84 13.33 -26.70
N CYS C 116 31.91 13.85 -25.48
CA CYS C 116 31.91 15.31 -25.28
C CYS C 116 33.05 16.03 -26.09
N GLN C 117 34.29 15.56 -25.90
CA GLN C 117 35.45 16.11 -26.61
C GLN C 117 35.14 16.00 -28.10
N LEU C 119 32.36 16.05 -29.68
CA LEU C 119 31.24 16.91 -30.13
C LEU C 119 31.33 18.37 -29.67
N GLY C 120 32.34 18.71 -28.89
CA GLY C 120 32.50 20.08 -28.45
C GLY C 120 31.56 20.41 -27.31
N ILE C 121 31.24 19.40 -26.46
CA ILE C 121 30.39 19.65 -25.29
C ILE C 121 31.28 20.02 -24.12
N GLU C 122 31.08 21.24 -23.60
CA GLU C 122 32.02 21.83 -22.63
C GLU C 122 31.40 22.00 -21.24
N GLU C 123 32.26 22.18 -20.24
CA GLU C 123 31.78 22.53 -18.91
C GLU C 123 30.69 21.53 -18.57
N THR C 124 31.09 20.27 -18.54
CA THR C 124 30.17 19.17 -18.36
C THR C 124 29.98 18.76 -16.91
N THR C 125 28.86 18.15 -16.62
CA THR C 125 28.69 17.40 -15.36
C THR C 125 27.91 16.11 -15.69
N TYR C 126 27.52 15.35 -14.69
CA TYR C 126 26.93 14.06 -14.96
C TYR C 126 25.41 14.12 -14.95
N LEU C 127 24.74 13.09 -15.48
CA LEU C 127 23.29 13.02 -15.48
C LEU C 127 22.74 12.45 -14.19
N GLN C 128 23.09 11.21 -13.89
CA GLN C 128 22.68 10.55 -12.64
C GLN C 128 23.87 10.20 -11.76
N GLU C 129 23.69 10.45 -10.47
CA GLU C 129 24.70 10.24 -9.47
C GLU C 129 24.79 8.75 -9.09
N THR C 130 26.03 8.31 -9.09
CA THR C 130 26.39 6.92 -8.86
C THR C 130 27.42 6.91 -7.72
N GLY C 131 28.02 8.08 -7.46
CA GLY C 131 28.95 8.18 -6.34
C GLY C 131 29.35 9.60 -6.03
N PRO C 132 30.09 9.78 -4.91
CA PRO C 132 30.68 11.07 -4.56
C PRO C 132 31.16 11.86 -5.78
N GLU C 133 30.35 12.80 -6.24
CA GLU C 133 30.83 13.72 -7.27
C GLU C 133 31.17 12.99 -8.58
N ARG C 134 30.48 11.87 -8.80
CA ARG C 134 30.63 11.07 -10.02
C ARG C 134 29.30 10.47 -10.44
N GLY C 135 29.13 10.27 -11.74
CA GLY C 135 27.90 9.61 -12.18
C GLY C 135 27.89 9.34 -13.64
N ILE C 136 26.83 8.67 -14.08
CA ILE C 136 26.73 8.21 -15.44
C ILE C 136 26.17 9.32 -16.37
N GLY C 137 26.56 9.31 -17.64
CA GLY C 137 26.15 10.30 -18.61
C GLY C 137 26.78 11.67 -18.39
N ARG C 138 26.77 12.49 -19.44
CA ARG C 138 27.20 13.87 -19.35
C ARG C 138 26.17 14.87 -19.87
N ILE C 139 26.24 16.08 -19.31
CA ILE C 139 25.56 17.25 -19.83
C ILE C 139 26.49 18.48 -19.75
N GLY C 140 26.57 19.22 -20.86
CA GLY C 140 27.20 20.53 -20.91
C GLY C 140 26.74 21.36 -22.10
N ASN C 141 27.48 22.45 -22.36
CA ASN C 141 27.11 23.42 -23.37
C ASN C 141 27.91 23.36 -24.64
N ILE C 142 27.30 23.76 -25.75
CA ILE C 142 27.92 23.83 -27.08
C ILE C 142 27.79 25.26 -27.61
N GLN C 143 28.54 25.55 -28.69
CA GLN C 143 28.30 26.70 -29.54
C GLN C 143 26.93 26.43 -30.12
N PRO C 144 25.95 27.29 -29.83
CA PRO C 144 24.63 27.09 -30.41
C PRO C 144 24.61 26.72 -31.90
N GLN C 145 23.87 25.65 -32.26
CA GLN C 145 23.55 25.36 -33.67
C GLN C 145 22.12 24.86 -33.72
N THR C 146 21.59 24.67 -34.92
CA THR C 146 20.26 24.13 -35.06
C THR C 146 20.29 22.63 -34.79
N PHE C 147 19.11 22.07 -34.52
CA PHE C 147 18.97 20.64 -34.27
C PHE C 147 19.55 19.84 -35.47
N TRP C 148 19.25 20.29 -36.68
CA TRP C 148 19.66 19.65 -37.92
C TRP C 148 21.16 19.73 -38.13
N GLU C 149 21.80 20.82 -37.72
CA GLU C 149 23.27 20.94 -37.76
C GLU C 149 23.97 19.99 -36.83
N LEU C 150 23.45 19.90 -35.62
CA LEU C 150 23.94 18.92 -34.62
C LEU C 150 23.80 17.47 -35.13
N ALA C 151 22.66 17.16 -35.73
CA ALA C 151 22.41 15.83 -36.26
C ALA C 151 23.41 15.46 -37.39
N GLN C 152 23.63 16.37 -38.34
CA GLN C 152 24.68 16.19 -39.38
C GLN C 152 26.05 15.93 -38.74
N GLN C 153 26.37 16.67 -37.69
CA GLN C 153 27.65 16.54 -36.99
C GLN C 153 27.79 15.20 -36.27
N VAL C 154 26.76 14.80 -35.51
CA VAL C 154 26.77 13.48 -34.85
C VAL C 154 26.93 12.34 -35.89
N LYS C 155 26.14 12.35 -36.96
CA LYS C 155 26.25 11.31 -38.02
C LYS C 155 27.70 11.26 -38.60
N GLN C 156 28.23 12.45 -38.93
CA GLN C 156 29.59 12.58 -39.43
C GLN C 156 30.67 12.20 -38.39
N VAL C 157 30.68 12.84 -37.22
CA VAL C 157 31.74 12.59 -36.21
C VAL C 157 31.90 11.10 -35.86
N PHE C 158 30.81 10.33 -35.95
CA PHE C 158 30.78 8.88 -35.60
C PHE C 158 30.69 7.92 -36.80
N ASP C 159 30.63 8.45 -38.02
CA ASP C 159 30.73 7.66 -39.26
C ASP C 159 29.58 6.65 -39.41
N LEU C 160 28.36 7.20 -39.43
CA LEU C 160 27.19 6.42 -39.29
C LEU C 160 26.50 6.34 -40.62
N ASP C 161 26.05 5.14 -40.95
CA ASP C 161 25.30 4.92 -42.17
C ASP C 161 23.93 5.59 -42.02
N SER C 162 23.40 5.55 -40.79
CA SER C 162 22.25 6.40 -40.44
C SER C 162 22.18 6.86 -38.98
N LEU C 163 21.36 7.89 -38.75
CA LEU C 163 21.10 8.37 -37.39
C LEU C 163 19.59 8.56 -37.22
N ARG C 164 19.06 8.15 -36.06
CA ARG C 164 17.66 8.44 -35.69
C ARG C 164 17.51 9.78 -34.97
N VAL C 166 14.90 12.25 -33.11
CA VAL C 166 13.61 12.20 -32.42
C VAL C 166 12.93 13.56 -32.29
N HIS C 167 11.81 13.66 -33.01
CA HIS C 167 11.07 14.91 -33.18
C HIS C 167 9.83 14.56 -33.97
N TYR C 168 8.84 15.45 -33.95
CA TYR C 168 7.63 15.26 -34.72
C TYR C 168 7.58 16.25 -35.90
N GLN C 169 7.98 17.50 -35.69
CA GLN C 169 7.73 18.54 -36.68
C GLN C 169 8.95 19.08 -37.46
N GLU C 170 8.65 19.54 -38.67
CA GLU C 170 9.61 20.16 -39.58
C GLU C 170 10.44 21.25 -38.90
N ASP C 171 9.79 22.21 -38.25
CA ASP C 171 10.53 23.35 -37.63
C ASP C 171 11.36 22.97 -36.39
N ASP C 172 11.29 21.72 -35.93
CA ASP C 172 12.19 21.26 -34.86
C ASP C 172 13.64 21.27 -35.37
N LEU C 173 13.79 21.05 -36.68
CA LEU C 173 15.09 20.99 -37.36
C LEU C 173 15.87 22.30 -37.27
N GLN C 174 15.14 23.41 -37.12
CA GLN C 174 15.70 24.76 -37.08
C GLN C 174 15.85 25.30 -35.67
N LYS C 175 15.37 24.52 -34.69
CA LYS C 175 15.44 24.89 -33.28
C LYS C 175 16.90 25.06 -32.85
N PRO C 176 17.25 26.24 -32.34
CA PRO C 176 18.60 26.42 -31.83
C PRO C 176 18.91 25.55 -30.60
N ILE C 177 20.02 24.82 -30.64
CA ILE C 177 20.40 23.87 -29.59
C ILE C 177 21.63 24.46 -28.96
N SER C 178 21.65 24.56 -27.65
CA SER C 178 22.83 25.12 -27.02
C SER C 178 23.34 24.29 -25.86
N ARG C 179 22.50 23.40 -25.35
CA ARG C 179 22.85 22.51 -24.23
C ARG C 179 22.50 21.08 -24.58
N VAL C 180 23.47 20.20 -24.39
CA VAL C 180 23.38 18.86 -24.92
C VAL C 180 23.73 17.83 -23.81
N ALA C 181 22.85 16.83 -23.65
CA ALA C 181 23.17 15.65 -22.87
C ALA C 181 23.50 14.39 -23.72
N ILE C 182 24.32 13.52 -23.14
CA ILE C 182 24.78 12.33 -23.85
C ILE C 182 25.05 11.21 -22.85
N CYS C 183 24.65 10.01 -23.24
CA CYS C 183 25.02 8.82 -22.51
C CYS C 183 25.14 7.68 -23.50
N GLY C 184 26.37 7.21 -23.66
CA GLY C 184 26.66 6.03 -24.47
C GLY C 184 25.82 4.85 -24.03
N GLY C 185 25.46 4.02 -24.99
CA GLY C 185 24.75 2.80 -24.67
C GLY C 185 23.32 3.10 -24.31
N SER C 186 22.81 2.37 -23.32
CA SER C 186 21.37 2.32 -23.03
C SER C 186 20.94 3.21 -21.86
N GLY C 187 20.98 4.53 -22.08
CA GLY C 187 20.61 5.49 -21.09
C GLY C 187 19.35 6.29 -21.32
N GLN C 188 18.33 5.72 -21.97
CA GLN C 188 17.01 6.37 -22.01
C GLN C 188 16.41 6.66 -20.60
N SER C 189 16.65 5.79 -19.62
CA SER C 189 16.17 6.02 -18.27
C SER C 189 16.79 7.21 -17.57
N PHE C 190 17.73 7.91 -18.21
CA PHE C 190 18.38 9.07 -17.56
C PHE C 190 17.83 10.37 -18.16
N TYR C 191 16.81 10.24 -18.99
CA TYR C 191 16.38 11.37 -19.74
C TYR C 191 15.69 12.47 -18.89
N LYS C 192 15.14 12.09 -17.73
CA LYS C 192 14.45 13.03 -16.85
C LYS C 192 15.49 13.91 -16.14
N ASP C 193 16.68 13.34 -15.94
CA ASP C 193 17.84 14.04 -15.39
C ASP C 193 18.41 14.99 -16.44
N ALA C 194 18.43 14.54 -17.70
CA ALA C 194 18.83 15.42 -18.81
C ALA C 194 17.97 16.69 -18.83
N LEU C 195 16.65 16.50 -18.98
CA LEU C 195 15.61 17.52 -18.86
C LEU C 195 15.72 18.39 -17.59
N ALA C 196 15.81 17.78 -16.41
CA ALA C 196 15.98 18.58 -15.19
C ALA C 196 17.21 19.52 -15.21
N LYS C 197 18.25 19.14 -15.94
CA LYS C 197 19.54 19.88 -15.90
C LYS C 197 19.72 20.77 -17.12
N GLY C 198 18.64 20.96 -17.88
CA GLY C 198 18.61 21.99 -18.90
C GLY C 198 18.89 21.55 -20.33
N ALA C 199 18.83 20.23 -20.60
CA ALA C 199 19.18 19.69 -21.92
C ALA C 199 18.09 20.06 -22.91
N ASP C 200 18.52 20.57 -24.08
CA ASP C 200 17.66 20.79 -25.23
C ASP C 200 17.58 19.48 -26.01
N VAL C 201 18.73 18.79 -26.16
CA VAL C 201 18.83 17.50 -26.83
C VAL C 201 19.53 16.46 -25.97
N TYR C 202 19.04 15.23 -26.06
CA TYR C 202 19.64 14.06 -25.37
C TYR C 202 20.05 13.00 -26.40
N ILE C 203 21.32 12.66 -26.39
CA ILE C 203 21.85 11.71 -27.35
C ILE C 203 22.07 10.46 -26.59
N THR C 204 21.34 9.40 -26.95
CA THR C 204 21.60 8.12 -26.32
C THR C 204 21.15 6.94 -27.19
N GLY C 205 21.57 5.74 -26.84
CA GLY C 205 21.30 4.57 -27.67
C GLY C 205 20.04 3.86 -27.23
N ASP C 206 19.36 3.23 -28.18
CA ASP C 206 18.38 2.22 -27.76
C ASP C 206 17.13 2.89 -27.17
N ILE C 207 16.62 3.90 -27.87
CA ILE C 207 15.46 4.63 -27.35
C ILE C 207 14.20 3.93 -27.86
N TYR C 208 13.42 3.41 -26.91
CA TYR C 208 12.14 2.79 -27.20
C TYR C 208 11.21 3.81 -27.81
N TYR C 209 10.41 3.33 -28.74
CA TYR C 209 9.33 4.05 -29.34
C TYR C 209 8.55 4.95 -28.35
N HIS C 210 8.04 4.32 -27.27
CA HIS C 210 7.19 4.98 -26.30
C HIS C 210 7.98 6.02 -25.48
N THR C 211 9.21 5.67 -25.05
CA THR C 211 10.05 6.64 -24.33
C THR C 211 10.37 7.92 -25.16
N ALA C 212 10.66 7.71 -26.45
CA ALA C 212 10.90 8.78 -27.38
C ALA C 212 9.74 9.78 -27.39
N GLN C 213 8.51 9.25 -27.49
CA GLN C 213 7.29 10.06 -27.44
C GLN C 213 7.15 10.84 -26.13
N ASP C 214 7.51 10.21 -25.00
CA ASP C 214 7.48 10.85 -23.69
C ASP C 214 8.53 11.94 -23.57
N LEU C 216 9.59 13.77 -26.06
CA LEU C 216 9.00 14.82 -26.89
C LEU C 216 7.85 15.55 -26.22
N SER C 217 6.99 14.78 -25.52
CA SER C 217 5.96 15.34 -24.66
C SER C 217 6.56 16.27 -23.62
N ASP C 218 7.78 16.01 -23.18
CA ASP C 218 8.45 16.86 -22.17
C ASP C 218 9.20 18.00 -22.85
N GLY C 219 9.14 18.09 -24.18
CA GLY C 219 9.91 19.12 -24.90
C GLY C 219 11.41 18.86 -25.16
N LEU C 220 11.87 17.64 -24.89
CA LEU C 220 13.25 17.24 -25.06
C LEU C 220 13.44 16.58 -26.44
N LEU C 221 14.34 17.13 -27.26
CA LEU C 221 14.62 16.46 -28.55
C LEU C 221 15.71 15.42 -28.32
N ALA C 222 15.86 14.48 -29.24
CA ALA C 222 16.80 13.41 -28.98
C ALA C 222 17.46 12.94 -30.27
N LEU C 223 18.61 12.30 -30.12
CA LEU C 223 19.30 11.66 -31.23
C LEU C 223 19.69 10.27 -30.77
N ASP C 224 19.37 9.27 -31.58
CA ASP C 224 19.75 7.90 -31.28
C ASP C 224 20.75 7.47 -32.36
N PRO C 225 22.07 7.46 -32.03
CA PRO C 225 23.19 6.99 -32.94
C PRO C 225 23.45 5.48 -32.94
N GLY C 226 22.58 4.74 -32.24
CA GLY C 226 22.76 3.35 -31.94
C GLY C 226 23.78 3.08 -30.85
N HIS C 227 24.00 1.80 -30.61
CA HIS C 227 24.99 1.30 -29.67
C HIS C 227 26.44 1.31 -30.18
N TYR C 228 26.61 1.26 -31.49
CA TYR C 228 27.96 1.04 -32.00
C TYR C 228 28.93 2.19 -31.81
N ILE C 229 28.45 3.38 -31.50
CA ILE C 229 29.36 4.49 -31.20
C ILE C 229 30.26 4.15 -30.02
N GLU C 230 29.88 3.17 -29.19
CA GLU C 230 30.81 2.77 -28.14
C GLU C 230 32.02 1.93 -28.54
N VAL C 231 32.18 1.55 -29.82
CA VAL C 231 33.45 0.97 -30.23
C VAL C 231 34.62 1.89 -30.02
N ILE C 232 34.33 3.15 -29.77
CA ILE C 232 35.38 4.12 -29.41
C ILE C 232 36.27 3.49 -28.30
N PHE C 233 35.64 2.67 -27.45
CA PHE C 233 36.28 2.03 -26.28
C PHE C 233 37.50 1.21 -26.66
N VAL C 234 37.35 0.42 -27.71
CA VAL C 234 38.43 -0.40 -28.24
C VAL C 234 39.69 0.44 -28.55
N GLU C 235 39.55 1.42 -29.43
CA GLU C 235 40.71 2.21 -29.87
C GLU C 235 41.30 2.99 -28.72
N LYS C 236 40.45 3.56 -27.85
CA LYS C 236 40.90 4.45 -26.78
C LYS C 236 41.59 3.73 -25.65
N ILE C 237 41.03 2.59 -25.23
CA ILE C 237 41.67 1.75 -24.17
C ILE C 237 42.94 1.07 -24.64
N ALA C 238 42.98 0.66 -25.89
CA ALA C 238 44.22 0.16 -26.52
C ALA C 238 45.37 1.21 -26.58
N ALA C 239 45.07 2.45 -26.95
CA ALA C 239 46.02 3.54 -26.92
C ALA C 239 46.51 3.88 -25.48
N LEU C 240 45.61 3.81 -24.50
CA LEU C 240 45.99 3.91 -23.09
C LEU C 240 46.98 2.82 -22.66
N LEU C 241 46.64 1.55 -22.93
CA LEU C 241 47.51 0.42 -22.60
C LEU C 241 48.86 0.51 -23.27
N SER C 242 48.84 0.96 -24.54
CA SER C 242 50.03 1.22 -25.35
C SER C 242 50.90 2.29 -24.71
N GLN C 243 50.27 3.36 -24.23
CA GLN C 243 50.97 4.42 -23.58
C GLN C 243 51.63 3.86 -22.34
N TRP C 244 50.90 3.06 -21.56
CA TRP C 244 51.48 2.42 -20.36
C TRP C 244 52.62 1.46 -20.70
N LYS C 245 52.47 0.69 -21.78
CA LYS C 245 53.52 -0.21 -22.22
C LYS C 245 54.80 0.59 -22.41
N GLU C 246 54.71 1.68 -23.17
CA GLU C 246 55.85 2.54 -23.47
C GLU C 246 56.47 3.10 -22.19
N ASP C 247 55.64 3.73 -21.36
CA ASP C 247 56.11 4.32 -20.11
C ASP C 247 56.76 3.33 -19.17
N LYS C 248 56.19 2.14 -19.04
CA LYS C 248 56.60 1.20 -17.99
C LYS C 248 57.51 0.08 -18.49
N GLY C 249 57.85 0.11 -19.78
CA GLY C 249 58.72 -0.88 -20.40
C GLY C 249 58.14 -2.28 -20.50
N TRP C 250 56.81 -2.40 -20.63
CA TRP C 250 56.12 -3.69 -20.67
C TRP C 250 56.50 -4.44 -21.93
N SER C 251 56.60 -5.75 -21.85
CA SER C 251 56.63 -6.49 -23.10
C SER C 251 55.35 -7.28 -23.18
N ILE C 252 54.30 -6.60 -23.62
CA ILE C 252 53.09 -7.25 -24.10
C ILE C 252 52.74 -6.63 -25.42
N ASP C 253 52.07 -7.38 -26.28
CA ASP C 253 51.42 -6.78 -27.43
C ASP C 253 49.98 -6.45 -27.03
N ILE C 254 49.48 -5.32 -27.53
CA ILE C 254 48.14 -4.81 -27.22
C ILE C 254 47.40 -4.76 -28.53
N LEU C 255 46.20 -5.36 -28.56
CA LEU C 255 45.46 -5.50 -29.82
C LEU C 255 44.06 -4.95 -29.70
N PRO C 256 43.72 -3.95 -30.54
CA PRO C 256 42.30 -3.65 -30.60
C PRO C 256 41.64 -4.75 -31.44
N SER C 257 40.51 -5.27 -30.98
CA SER C 257 39.81 -6.31 -31.73
C SER C 257 39.33 -5.73 -33.04
N GLN C 258 39.51 -6.47 -34.10
CA GLN C 258 39.09 -6.04 -35.42
C GLN C 258 37.80 -6.73 -35.86
N ALA C 259 37.37 -7.73 -35.11
CA ALA C 259 36.19 -8.50 -35.51
C ALA C 259 34.92 -7.71 -35.14
N SER C 260 34.25 -7.21 -36.17
CA SER C 260 33.03 -6.40 -36.01
C SER C 260 31.97 -7.29 -35.41
N THR C 261 31.44 -6.88 -34.27
CA THR C 261 30.28 -7.59 -33.69
C THR C 261 28.98 -6.75 -33.77
N ASN C 262 28.99 -5.66 -34.55
CA ASN C 262 27.78 -4.95 -34.95
C ASN C 262 26.85 -5.86 -35.76
N PRO C 263 25.60 -6.12 -35.25
CA PRO C 263 24.58 -6.94 -35.91
C PRO C 263 23.71 -6.13 -36.88
N PHE C 264 23.78 -4.81 -36.78
CA PHE C 264 22.86 -3.89 -37.49
C PHE C 264 23.42 -3.12 -38.69
N HIS C 265 22.93 -3.47 -39.89
CA HIS C 265 23.33 -2.81 -41.15
C HIS C 265 22.17 -2.20 -41.93
N HIS C 266 22.33 -0.94 -42.32
CA HIS C 266 21.18 -0.19 -42.85
C HIS C 266 20.86 -0.27 -44.33
N ILE C 267 19.56 -0.45 -44.58
CA ILE C 267 18.84 -0.41 -45.89
C ILE C 267 19.03 -1.59 -46.84
#